data_1E4T
#
_entry.id   1E4T
#
_cell.length_a   1.000
_cell.length_b   1.000
_cell.length_c   1.000
_cell.angle_alpha   90.00
_cell.angle_beta   90.00
_cell.angle_gamma   90.00
#
_symmetry.space_group_name_H-M   'P 1'
#
_entity_poly.entity_id   1
_entity_poly.type   'polypeptide(L)'
_entity_poly.pdbx_seq_one_letter_code
;NSKRACYREGGECLQRCIGLFHKIGTCNFRFKCCKFQ
;
_entity_poly.pdbx_strand_id   A
#
# COMPACT_ATOMS: atom_id res chain seq x y z
N ASN A 1 -2.00 14.87 -7.73
CA ASN A 1 -2.97 13.86 -8.22
C ASN A 1 -3.74 13.25 -7.05
N SER A 2 -4.99 12.91 -7.25
CA SER A 2 -5.78 12.32 -6.14
C SER A 2 -5.18 10.99 -5.71
N LYS A 3 -4.70 10.21 -6.64
CA LYS A 3 -4.10 8.89 -6.28
C LYS A 3 -2.66 8.81 -6.82
N ARG A 4 -1.83 8.02 -6.19
CA ARG A 4 -0.42 7.89 -6.65
C ARG A 4 -0.08 6.41 -6.88
N ALA A 5 0.98 6.16 -7.62
CA ALA A 5 1.37 4.74 -7.87
C ALA A 5 2.07 4.16 -6.65
N CYS A 6 1.44 3.21 -6.00
CA CYS A 6 2.07 2.60 -4.79
C CYS A 6 3.37 1.87 -5.19
N TYR A 7 3.46 1.46 -6.43
CA TYR A 7 4.69 0.75 -6.88
C TYR A 7 5.89 1.71 -6.85
N ARG A 8 5.71 2.91 -7.32
CA ARG A 8 6.84 3.89 -7.31
C ARG A 8 7.26 4.19 -5.88
N GLU A 9 6.32 4.22 -4.97
CA GLU A 9 6.66 4.51 -3.55
C GLU A 9 7.51 3.38 -2.97
N GLY A 10 7.32 2.17 -3.44
CA GLY A 10 8.12 1.04 -2.91
C GLY A 10 7.51 0.54 -1.60
N GLY A 11 6.21 0.64 -1.46
CA GLY A 11 5.56 0.18 -0.20
C GLY A 11 5.32 -1.33 -0.27
N GLU A 12 4.61 -1.88 0.69
CA GLU A 12 4.34 -3.35 0.67
C GLU A 12 2.83 -3.61 0.57
N CYS A 13 2.45 -4.67 -0.08
CA CYS A 13 0.99 -4.99 -0.22
C CYS A 13 0.58 -6.02 0.82
N LEU A 14 -0.35 -5.68 1.68
CA LEU A 14 -0.79 -6.65 2.72
C LEU A 14 -2.26 -7.03 2.51
N GLN A 15 -2.59 -8.28 2.66
CA GLN A 15 -4.01 -8.70 2.48
C GLN A 15 -4.88 -8.08 3.57
N ARG A 16 -4.31 -7.80 4.70
CA ARG A 16 -5.10 -7.19 5.81
C ARG A 16 -4.26 -6.13 6.54
N CYS A 17 -3.80 -5.14 5.84
CA CYS A 17 -2.97 -4.08 6.49
C CYS A 17 -3.50 -3.75 7.88
N ILE A 18 -2.66 -3.84 8.89
CA ILE A 18 -3.11 -3.53 10.26
C ILE A 18 -2.86 -2.06 10.59
N GLY A 19 -3.32 -1.59 11.72
CA GLY A 19 -3.10 -0.16 12.08
C GLY A 19 -1.60 0.15 12.07
N LEU A 20 -0.81 -0.68 12.70
CA LEU A 20 0.66 -0.45 12.73
C LEU A 20 1.15 0.02 11.36
N PHE A 21 0.65 -0.56 10.31
CA PHE A 21 1.09 -0.16 8.95
C PHE A 21 0.24 1.00 8.43
N HIS A 22 0.84 2.13 8.16
CA HIS A 22 0.05 3.28 7.64
C HIS A 22 -0.46 2.96 6.24
N LYS A 23 -1.58 3.51 5.86
CA LYS A 23 -2.12 3.21 4.50
C LYS A 23 -1.92 4.40 3.56
N ILE A 24 -1.31 4.16 2.44
CA ILE A 24 -1.08 5.26 1.45
C ILE A 24 -2.13 5.14 0.33
N GLY A 25 -2.44 3.95 -0.04
CA GLY A 25 -3.44 3.73 -1.12
C GLY A 25 -3.77 2.23 -1.22
N THR A 26 -4.12 1.77 -2.39
CA THR A 26 -4.45 0.33 -2.55
C THR A 26 -3.50 -0.33 -3.55
N CYS A 27 -3.39 -1.63 -3.51
CA CYS A 27 -2.47 -2.33 -4.46
C CYS A 27 -3.18 -2.65 -5.77
N ASN A 28 -2.62 -3.50 -6.57
CA ASN A 28 -3.24 -3.86 -7.87
C ASN A 28 -4.58 -4.57 -7.66
N PHE A 29 -4.64 -5.47 -6.71
CA PHE A 29 -5.92 -6.20 -6.47
C PHE A 29 -5.79 -7.11 -5.25
N ARG A 30 -6.82 -7.19 -4.45
CA ARG A 30 -6.77 -8.05 -3.24
C ARG A 30 -5.60 -7.65 -2.34
N PHE A 31 -5.11 -6.44 -2.48
CA PHE A 31 -3.98 -5.99 -1.64
C PHE A 31 -4.08 -4.49 -1.38
N LYS A 32 -3.55 -4.02 -0.28
CA LYS A 32 -3.62 -2.56 0.01
C LYS A 32 -2.21 -1.98 0.09
N CYS A 33 -2.06 -0.70 -0.10
CA CYS A 33 -0.70 -0.08 -0.05
C CYS A 33 -0.43 0.47 1.36
N CYS A 34 0.59 -0.03 2.02
CA CYS A 34 0.91 0.46 3.38
C CYS A 34 2.43 0.67 3.52
N LYS A 35 2.85 1.37 4.53
CA LYS A 35 4.32 1.60 4.71
C LYS A 35 4.75 1.21 6.13
N PHE A 36 5.91 0.62 6.26
CA PHE A 36 6.40 0.21 7.61
C PHE A 36 7.51 1.15 8.07
N GLN A 37 7.51 1.52 9.32
CA GLN A 37 8.58 2.44 9.83
C GLN A 37 9.12 1.93 11.16
N ASN A 1 -7.29 13.12 -6.31
CA ASN A 1 -6.47 14.22 -5.71
C ASN A 1 -5.56 13.64 -4.61
N SER A 2 -4.38 14.17 -4.47
CA SER A 2 -3.44 13.66 -3.42
C SER A 2 -3.31 12.14 -3.53
N LYS A 3 -3.10 11.63 -4.71
CA LYS A 3 -2.95 10.16 -4.88
C LYS A 3 -1.56 9.83 -5.42
N ARG A 4 -0.94 8.80 -4.92
CA ARG A 4 0.42 8.43 -5.43
C ARG A 4 0.45 6.95 -5.83
N ALA A 5 1.49 6.54 -6.51
CA ALA A 5 1.58 5.12 -6.94
C ALA A 5 2.34 4.30 -5.89
N CYS A 6 1.66 3.45 -5.17
CA CYS A 6 2.35 2.62 -4.15
C CYS A 6 3.41 1.75 -4.81
N TYR A 7 3.24 1.45 -6.06
CA TYR A 7 4.26 0.62 -6.78
C TYR A 7 5.60 1.35 -6.83
N ARG A 8 5.59 2.62 -7.09
CA ARG A 8 6.86 3.39 -7.16
C ARG A 8 7.40 3.63 -5.75
N GLU A 9 6.53 3.80 -4.79
CA GLU A 9 6.99 4.05 -3.40
C GLU A 9 7.71 2.81 -2.86
N GLY A 10 7.39 1.66 -3.37
CA GLY A 10 8.05 0.41 -2.89
C GLY A 10 7.33 -0.11 -1.65
N GLY A 11 6.17 0.40 -1.37
CA GLY A 11 5.40 -0.06 -0.18
C GLY A 11 5.12 -1.56 -0.30
N GLU A 12 4.73 -2.19 0.78
CA GLU A 12 4.43 -3.65 0.72
C GLU A 12 2.92 -3.89 0.65
N CYS A 13 2.49 -4.85 -0.12
CA CYS A 13 1.03 -5.13 -0.23
C CYS A 13 0.63 -6.30 0.66
N LEU A 14 -0.39 -6.15 1.46
CA LEU A 14 -0.82 -7.25 2.34
C LEU A 14 -2.30 -7.56 2.11
N GLN A 15 -2.78 -8.67 2.61
CA GLN A 15 -4.22 -9.02 2.40
C GLN A 15 -5.08 -8.24 3.39
N ARG A 16 -4.54 -7.94 4.54
CA ARG A 16 -5.31 -7.18 5.56
C ARG A 16 -4.36 -6.29 6.37
N CYS A 17 -3.94 -5.20 5.78
CA CYS A 17 -2.99 -4.28 6.47
C CYS A 17 -3.28 -4.21 7.97
N ILE A 18 -2.29 -4.46 8.79
CA ILE A 18 -2.52 -4.41 10.27
C ILE A 18 -2.11 -3.04 10.82
N GLY A 19 -2.27 -2.84 12.09
CA GLY A 19 -1.90 -1.53 12.70
C GLY A 19 -0.42 -1.23 12.42
N LEU A 20 0.08 -0.15 12.95
CA LEU A 20 1.51 0.21 12.71
C LEU A 20 1.76 0.43 11.22
N PHE A 21 0.72 0.52 10.43
CA PHE A 21 0.92 0.75 8.98
C PHE A 21 -0.07 1.81 8.46
N HIS A 22 0.43 2.78 7.74
CA HIS A 22 -0.47 3.83 7.20
C HIS A 22 -0.80 3.52 5.74
N LYS A 23 -2.01 3.78 5.32
CA LYS A 23 -2.39 3.48 3.91
C LYS A 23 -2.25 4.72 3.02
N ILE A 24 -1.30 4.70 2.11
CA ILE A 24 -1.13 5.87 1.20
C ILE A 24 -2.03 5.67 -0.02
N GLY A 25 -2.19 4.44 -0.43
CA GLY A 25 -3.06 4.15 -1.61
C GLY A 25 -3.46 2.67 -1.58
N THR A 26 -3.80 2.12 -2.70
CA THR A 26 -4.20 0.68 -2.73
C THR A 26 -3.33 -0.10 -3.72
N CYS A 27 -3.22 -1.39 -3.54
CA CYS A 27 -2.38 -2.21 -4.45
C CYS A 27 -3.10 -2.42 -5.78
N ASN A 28 -2.62 -3.33 -6.59
CA ASN A 28 -3.27 -3.58 -7.90
C ASN A 28 -4.62 -4.28 -7.73
N PHE A 29 -4.72 -5.15 -6.76
CA PHE A 29 -6.00 -5.87 -6.53
C PHE A 29 -5.87 -6.84 -5.35
N ARG A 30 -6.92 -7.00 -4.59
CA ARG A 30 -6.85 -7.93 -3.42
C ARG A 30 -5.72 -7.54 -2.46
N PHE A 31 -5.25 -6.33 -2.54
CA PHE A 31 -4.15 -5.90 -1.62
C PHE A 31 -4.23 -4.40 -1.33
N LYS A 32 -3.63 -3.97 -0.26
CA LYS A 32 -3.66 -2.52 0.08
C LYS A 32 -2.23 -2.00 0.29
N CYS A 33 -2.03 -0.72 0.18
CA CYS A 33 -0.66 -0.16 0.38
C CYS A 33 -0.43 0.16 1.85
N CYS A 34 0.63 -0.36 2.42
CA CYS A 34 0.91 -0.09 3.85
C CYS A 34 2.28 0.59 4.00
N LYS A 35 2.37 1.59 4.83
CA LYS A 35 3.67 2.29 5.00
C LYS A 35 4.13 2.23 6.46
N PHE A 36 5.35 1.87 6.70
CA PHE A 36 5.86 1.78 8.10
C PHE A 36 6.75 2.99 8.42
N GLN A 37 6.46 3.67 9.50
CA GLN A 37 7.28 4.87 9.86
C GLN A 37 7.20 5.94 8.77
N ASN A 1 -2.79 14.76 -9.77
CA ASN A 1 -2.55 13.29 -9.83
C ASN A 1 -3.62 12.53 -9.02
N SER A 2 -4.77 12.33 -9.58
CA SER A 2 -5.85 11.61 -8.84
C SER A 2 -5.38 10.19 -8.46
N LYS A 3 -4.42 9.67 -9.19
CA LYS A 3 -3.93 8.30 -8.88
C LYS A 3 -2.40 8.28 -8.84
N ARG A 4 -1.82 7.46 -7.99
CA ARG A 4 -0.32 7.40 -7.92
C ARG A 4 0.15 5.95 -8.08
N ALA A 5 1.38 5.77 -8.48
CA ALA A 5 1.90 4.39 -8.65
C ALA A 5 2.39 3.83 -7.32
N CYS A 6 1.76 2.80 -6.82
CA CYS A 6 2.19 2.21 -5.52
C CYS A 6 3.61 1.66 -5.64
N TYR A 7 4.05 1.39 -6.83
CA TYR A 7 5.43 0.85 -7.01
C TYR A 7 6.45 1.95 -6.71
N ARG A 8 6.15 3.16 -7.09
CA ARG A 8 7.10 4.29 -6.82
C ARG A 8 7.26 4.49 -5.32
N GLU A 9 6.20 4.32 -4.58
CA GLU A 9 6.29 4.50 -3.09
C GLU A 9 7.12 3.37 -2.47
N GLY A 10 7.05 2.20 -3.03
CA GLY A 10 7.84 1.06 -2.48
C GLY A 10 7.11 0.48 -1.27
N GLY A 11 5.86 0.82 -1.09
CA GLY A 11 5.10 0.29 0.07
C GLY A 11 4.89 -1.21 -0.10
N GLU A 12 4.57 -1.91 0.96
CA GLU A 12 4.37 -3.38 0.86
C GLU A 12 2.86 -3.70 0.86
N CYS A 13 2.46 -4.63 0.04
CA CYS A 13 1.02 -5.01 -0.02
C CYS A 13 0.68 -6.02 1.08
N LEU A 14 -0.35 -5.78 1.83
CA LEU A 14 -0.73 -6.73 2.91
C LEU A 14 -2.17 -7.20 2.74
N GLN A 15 -2.43 -8.47 2.89
CA GLN A 15 -3.82 -8.98 2.73
C GLN A 15 -4.72 -8.37 3.81
N ARG A 16 -4.16 -8.09 4.95
CA ARG A 16 -4.99 -7.49 6.05
C ARG A 16 -4.19 -6.39 6.77
N CYS A 17 -3.75 -5.40 6.05
CA CYS A 17 -2.96 -4.30 6.69
C CYS A 17 -3.52 -3.96 8.06
N ILE A 18 -2.67 -3.74 9.02
CA ILE A 18 -3.16 -3.41 10.39
C ILE A 18 -2.75 -1.98 10.77
N GLY A 19 -3.10 -1.54 11.95
CA GLY A 19 -2.73 -0.17 12.38
C GLY A 19 -1.23 0.02 12.26
N LEU A 20 -0.47 -0.90 12.78
CA LEU A 20 1.02 -0.80 12.70
C LEU A 20 1.44 -0.28 11.33
N PHE A 21 0.82 -0.76 10.29
CA PHE A 21 1.19 -0.30 8.92
C PHE A 21 0.22 0.78 8.45
N HIS A 22 0.72 1.83 7.85
CA HIS A 22 -0.18 2.91 7.37
C HIS A 22 -0.47 2.72 5.87
N LYS A 23 -1.72 2.68 5.50
CA LYS A 23 -2.08 2.49 4.06
C LYS A 23 -1.74 3.75 3.26
N ILE A 24 -0.99 3.59 2.19
CA ILE A 24 -0.63 4.77 1.35
C ILE A 24 -1.48 4.77 0.08
N GLY A 25 -2.15 3.67 -0.20
CA GLY A 25 -3.00 3.60 -1.42
C GLY A 25 -3.51 2.16 -1.57
N THR A 26 -3.50 1.63 -2.76
CA THR A 26 -3.99 0.24 -2.96
C THR A 26 -3.06 -0.51 -3.90
N CYS A 27 -3.07 -1.81 -3.83
CA CYS A 27 -2.20 -2.62 -4.74
C CYS A 27 -2.98 -3.02 -5.99
N ASN A 28 -2.51 -4.01 -6.69
CA ASN A 28 -3.22 -4.46 -7.92
C ASN A 28 -4.74 -4.44 -7.70
N PHE A 29 -5.18 -4.98 -6.60
CA PHE A 29 -6.64 -4.99 -6.31
C PHE A 29 -6.93 -5.70 -4.98
N ARG A 30 -6.63 -6.96 -4.89
CA ARG A 30 -6.90 -7.72 -3.64
C ARG A 30 -6.11 -7.14 -2.45
N PHE A 31 -4.88 -6.77 -2.66
CA PHE A 31 -4.07 -6.23 -1.53
C PHE A 31 -4.10 -4.70 -1.51
N LYS A 32 -3.69 -4.12 -0.41
CA LYS A 32 -3.66 -2.63 -0.30
C LYS A 32 -2.22 -2.16 -0.12
N CYS A 33 -1.94 -0.92 -0.38
CA CYS A 33 -0.54 -0.43 -0.22
C CYS A 33 -0.33 0.16 1.17
N CYS A 34 0.60 -0.38 1.92
CA CYS A 34 0.86 0.15 3.28
C CYS A 34 2.36 0.45 3.45
N LYS A 35 2.68 1.57 4.05
CA LYS A 35 4.13 1.91 4.22
C LYS A 35 4.49 1.95 5.71
N PHE A 36 5.59 1.33 6.07
CA PHE A 36 6.00 1.33 7.51
C PHE A 36 7.08 2.40 7.74
N GLN A 37 7.03 3.06 8.87
CA GLN A 37 8.06 4.10 9.15
C GLN A 37 9.45 3.46 9.24
N ASN A 1 -5.86 3.22 -7.30
CA ASN A 1 -4.69 4.14 -7.37
C ASN A 1 -4.08 4.12 -8.78
N SER A 2 -4.88 4.31 -9.79
CA SER A 2 -4.35 4.29 -11.18
C SER A 2 -3.56 5.57 -11.46
N LYS A 3 -4.01 6.67 -10.92
CA LYS A 3 -3.29 7.97 -11.15
C LYS A 3 -1.83 7.85 -10.70
N ARG A 4 -1.61 7.23 -9.58
CA ARG A 4 -0.21 7.08 -9.08
C ARG A 4 0.20 5.61 -9.05
N ALA A 5 1.47 5.33 -9.17
CA ALA A 5 1.92 3.91 -9.16
C ALA A 5 2.47 3.53 -7.78
N CYS A 6 1.78 2.67 -7.07
CA CYS A 6 2.26 2.25 -5.73
C CYS A 6 3.64 1.60 -5.84
N TYR A 7 3.97 1.09 -7.01
CA TYR A 7 5.29 0.45 -7.18
C TYR A 7 6.40 1.49 -7.04
N ARG A 8 6.18 2.67 -7.53
CA ARG A 8 7.21 3.74 -7.41
C ARG A 8 7.48 4.05 -5.94
N GLU A 9 6.46 4.04 -5.13
CA GLU A 9 6.65 4.33 -3.68
C GLU A 9 7.53 3.26 -3.04
N GLY A 10 7.37 2.03 -3.43
CA GLY A 10 8.20 0.95 -2.84
C GLY A 10 7.63 0.53 -1.49
N GLY A 11 6.39 0.87 -1.23
CA GLY A 11 5.78 0.50 0.07
C GLY A 11 5.41 -0.98 0.06
N GLU A 12 4.82 -1.47 1.12
CA GLU A 12 4.43 -2.91 1.16
C GLU A 12 2.93 -3.06 0.99
N CYS A 13 2.50 -3.97 0.17
CA CYS A 13 1.04 -4.17 -0.04
C CYS A 13 0.50 -5.23 0.92
N LEU A 14 -0.56 -4.93 1.61
CA LEU A 14 -1.14 -5.92 2.55
C LEU A 14 -2.66 -6.05 2.35
N GLN A 15 -3.19 -7.23 2.49
CA GLN A 15 -4.66 -7.39 2.30
C GLN A 15 -5.40 -6.57 3.36
N ARG A 16 -4.82 -6.46 4.54
CA ARG A 16 -5.48 -5.68 5.62
C ARG A 16 -4.43 -5.25 6.65
N CYS A 17 -3.46 -4.47 6.25
CA CYS A 17 -2.40 -4.03 7.20
C CYS A 17 -3.03 -3.23 8.36
N ILE A 18 -2.46 -3.34 9.53
CA ILE A 18 -3.01 -2.60 10.71
C ILE A 18 -1.94 -2.44 11.79
N GLY A 19 -2.10 -1.48 12.66
CA GLY A 19 -1.09 -1.29 13.74
C GLY A 19 0.12 -0.52 13.20
N LEU A 20 1.27 -1.12 13.26
CA LEU A 20 2.50 -0.44 12.75
C LEU A 20 2.37 -0.15 11.25
N PHE A 21 1.54 -0.89 10.56
CA PHE A 21 1.38 -0.66 9.10
C PHE A 21 0.09 0.08 8.79
N HIS A 22 0.17 1.15 8.04
CA HIS A 22 -1.06 1.92 7.68
C HIS A 22 -1.23 1.91 6.15
N LYS A 23 -2.44 1.75 5.67
CA LYS A 23 -2.64 1.72 4.19
C LYS A 23 -2.50 3.12 3.59
N ILE A 24 -1.62 3.27 2.65
CA ILE A 24 -1.44 4.60 1.99
C ILE A 24 -2.30 4.65 0.73
N GLY A 25 -2.39 3.55 0.04
CA GLY A 25 -3.21 3.50 -1.19
C GLY A 25 -3.62 2.05 -1.48
N THR A 26 -3.68 1.67 -2.72
CA THR A 26 -4.08 0.27 -3.05
C THR A 26 -3.04 -0.37 -3.97
N CYS A 27 -3.07 -1.67 -4.09
CA CYS A 27 -2.10 -2.36 -4.98
C CYS A 27 -2.83 -3.20 -6.03
N ASN A 28 -2.10 -3.91 -6.86
CA ASN A 28 -2.76 -4.74 -7.90
C ASN A 28 -3.69 -5.76 -7.25
N PHE A 29 -4.78 -6.08 -7.89
CA PHE A 29 -5.74 -7.08 -7.31
C PHE A 29 -6.46 -6.49 -6.10
N ARG A 30 -6.85 -7.31 -5.17
CA ARG A 30 -7.57 -6.81 -3.95
C ARG A 30 -6.58 -6.39 -2.87
N PHE A 31 -5.31 -6.63 -3.07
CA PHE A 31 -4.31 -6.25 -2.03
C PHE A 31 -4.15 -4.74 -1.99
N LYS A 32 -4.04 -4.16 -0.82
CA LYS A 32 -3.87 -2.70 -0.72
C LYS A 32 -2.42 -2.34 -0.40
N CYS A 33 -2.05 -1.11 -0.58
CA CYS A 33 -0.64 -0.70 -0.29
C CYS A 33 -0.51 -0.15 1.14
N CYS A 34 0.49 -0.57 1.85
CA CYS A 34 0.67 -0.08 3.26
C CYS A 34 2.15 0.20 3.52
N LYS A 35 2.45 1.32 4.13
CA LYS A 35 3.88 1.65 4.42
C LYS A 35 4.13 1.67 5.94
N PHE A 36 5.27 1.23 6.36
CA PHE A 36 5.57 1.22 7.83
C PHE A 36 5.77 2.64 8.33
N GLN A 37 5.24 2.95 9.49
CA GLN A 37 5.39 4.33 10.03
C GLN A 37 5.72 4.27 11.53
N ASN A 1 2.17 8.33 -14.01
CA ASN A 1 2.02 9.79 -13.73
C ASN A 1 0.63 10.07 -13.15
N SER A 2 -0.39 9.92 -13.95
CA SER A 2 -1.76 10.18 -13.44
C SER A 2 -2.07 9.25 -12.25
N LYS A 3 -1.71 8.00 -12.35
CA LYS A 3 -1.98 7.06 -11.23
C LYS A 3 -0.72 6.86 -10.39
N ARG A 4 -0.86 6.81 -9.09
CA ARG A 4 0.33 6.62 -8.21
C ARG A 4 0.74 5.15 -8.21
N ALA A 5 1.99 4.86 -7.97
CA ALA A 5 2.44 3.44 -7.96
C ALA A 5 3.14 3.11 -6.64
N CYS A 6 2.43 2.51 -5.72
CA CYS A 6 3.06 2.16 -4.42
C CYS A 6 4.32 1.33 -4.66
N TYR A 7 4.31 0.52 -5.68
CA TYR A 7 5.51 -0.32 -5.98
C TYR A 7 6.71 0.58 -6.28
N ARG A 8 6.50 1.62 -7.04
CA ARG A 8 7.62 2.54 -7.36
C ARG A 8 8.15 3.21 -6.10
N GLU A 9 7.28 3.52 -5.17
CA GLU A 9 7.73 4.17 -3.91
C GLU A 9 8.51 3.17 -3.04
N GLY A 10 8.32 1.90 -3.26
CA GLY A 10 9.07 0.89 -2.45
C GLY A 10 8.22 0.45 -1.25
N GLY A 11 6.94 0.67 -1.30
CA GLY A 11 6.08 0.24 -0.16
C GLY A 11 5.68 -1.23 -0.33
N GLU A 12 4.70 -1.68 0.41
CA GLU A 12 4.27 -3.10 0.28
C GLU A 12 2.74 -3.19 0.24
N CYS A 13 2.20 -4.15 -0.46
CA CYS A 13 0.72 -4.29 -0.53
C CYS A 13 0.26 -5.55 0.22
N LEU A 14 -0.58 -5.38 1.21
CA LEU A 14 -1.07 -6.57 1.98
C LEU A 14 -2.59 -6.67 1.87
N GLN A 15 -3.13 -7.86 1.94
CA GLN A 15 -4.61 -8.01 1.84
C GLN A 15 -5.27 -7.28 3.02
N ARG A 16 -4.64 -7.30 4.16
CA ARG A 16 -5.22 -6.61 5.35
C ARG A 16 -4.10 -5.96 6.16
N CYS A 17 -3.37 -5.06 5.55
CA CYS A 17 -2.25 -4.39 6.29
C CYS A 17 -2.75 -3.81 7.61
N ILE A 18 -2.16 -4.23 8.70
CA ILE A 18 -2.59 -3.71 10.03
C ILE A 18 -1.37 -3.50 10.93
N GLY A 19 -1.52 -2.77 12.00
CA GLY A 19 -0.37 -2.53 12.91
C GLY A 19 0.15 -1.10 12.71
N LEU A 20 1.42 -0.88 12.95
CA LEU A 20 1.98 0.48 12.76
C LEU A 20 1.80 0.93 11.32
N PHE A 21 1.55 0.01 10.43
CA PHE A 21 1.37 0.37 9.00
C PHE A 21 0.07 1.16 8.78
N HIS A 22 0.11 2.15 7.94
CA HIS A 22 -1.12 2.95 7.68
C HIS A 22 -1.56 2.75 6.22
N LYS A 23 -2.78 3.08 5.89
CA LYS A 23 -3.22 2.89 4.49
C LYS A 23 -2.99 4.15 3.66
N ILE A 24 -2.08 4.09 2.73
CA ILE A 24 -1.81 5.27 1.86
C ILE A 24 -2.76 5.25 0.67
N GLY A 25 -3.05 4.07 0.19
CA GLY A 25 -3.98 3.93 -0.96
C GLY A 25 -4.38 2.47 -1.13
N THR A 26 -4.62 2.05 -2.33
CA THR A 26 -5.03 0.63 -2.55
C THR A 26 -4.16 0.00 -3.65
N CYS A 27 -3.95 -1.29 -3.61
CA CYS A 27 -3.12 -1.95 -4.65
C CYS A 27 -4.01 -2.73 -5.62
N ASN A 28 -3.42 -3.46 -6.54
CA ASN A 28 -4.24 -4.24 -7.52
C ASN A 28 -4.32 -5.71 -7.08
N PHE A 29 -5.28 -6.44 -7.59
CA PHE A 29 -5.42 -7.87 -7.21
C PHE A 29 -5.90 -8.00 -5.77
N ARG A 30 -6.81 -7.14 -5.35
CA ARG A 30 -7.33 -7.20 -3.96
C ARG A 30 -6.21 -6.95 -2.96
N PHE A 31 -5.61 -5.79 -3.00
CA PHE A 31 -4.51 -5.48 -2.04
C PHE A 31 -4.54 -4.00 -1.66
N LYS A 32 -4.01 -3.66 -0.52
CA LYS A 32 -4.02 -2.23 -0.09
C LYS A 32 -2.58 -1.69 -0.03
N CYS A 33 -2.44 -0.39 0.06
CA CYS A 33 -1.07 0.20 0.13
C CYS A 33 -0.79 0.74 1.53
N CYS A 34 0.31 0.35 2.12
CA CYS A 34 0.64 0.84 3.49
C CYS A 34 2.15 0.84 3.69
N LYS A 35 2.66 1.79 4.43
CA LYS A 35 4.14 1.84 4.66
C LYS A 35 4.45 1.84 6.16
N PHE A 36 5.62 1.41 6.53
CA PHE A 36 5.99 1.38 7.98
C PHE A 36 6.40 2.78 8.43
N GLN A 37 6.01 3.17 9.62
CA GLN A 37 6.37 4.53 10.11
C GLN A 37 6.32 4.57 11.64
N ASN A 1 6.73 8.07 -3.03
CA ASN A 1 6.76 9.48 -3.53
C ASN A 1 5.44 9.83 -4.21
N SER A 2 5.05 9.07 -5.20
CA SER A 2 3.77 9.37 -5.89
C SER A 2 2.67 8.42 -5.40
N LYS A 3 1.48 8.93 -5.21
CA LYS A 3 0.37 8.05 -4.72
C LYS A 3 0.09 6.94 -5.74
N ARG A 4 0.11 7.27 -7.00
CA ARG A 4 -0.15 6.23 -8.04
C ARG A 4 0.91 5.14 -7.98
N ALA A 5 0.63 3.99 -8.52
CA ALA A 5 1.63 2.88 -8.50
C ALA A 5 2.20 2.71 -7.08
N CYS A 6 1.70 1.74 -6.35
CA CYS A 6 2.21 1.53 -4.97
C CYS A 6 3.64 0.97 -5.01
N TYR A 7 3.97 0.26 -6.05
CA TYR A 7 5.34 -0.30 -6.16
C TYR A 7 6.38 0.82 -6.14
N ARG A 8 6.10 1.91 -6.80
CA ARG A 8 7.05 3.05 -6.81
C ARG A 8 7.30 3.55 -5.39
N GLU A 9 6.27 3.67 -4.60
CA GLU A 9 6.44 4.15 -3.21
C GLU A 9 7.34 3.18 -2.43
N GLY A 10 7.39 1.94 -2.82
CA GLY A 10 8.24 0.96 -2.11
C GLY A 10 7.45 0.31 -0.97
N GLY A 11 6.23 0.75 -0.76
CA GLY A 11 5.41 0.17 0.34
C GLY A 11 5.17 -1.32 0.07
N GLU A 12 4.56 -2.02 0.98
CA GLU A 12 4.31 -3.47 0.78
C GLU A 12 2.81 -3.74 0.65
N CYS A 13 2.42 -4.56 -0.27
CA CYS A 13 0.97 -4.87 -0.45
C CYS A 13 0.55 -5.99 0.50
N LEU A 14 -0.43 -5.75 1.33
CA LEU A 14 -0.88 -6.82 2.27
C LEU A 14 -2.38 -7.09 2.09
N GLN A 15 -2.80 -8.31 2.28
CA GLN A 15 -4.25 -8.63 2.12
C GLN A 15 -5.06 -7.89 3.18
N ARG A 16 -4.54 -7.77 4.36
CA ARG A 16 -5.27 -7.04 5.45
C ARG A 16 -4.30 -6.13 6.21
N CYS A 17 -3.67 -5.23 5.51
CA CYS A 17 -2.70 -4.30 6.17
C CYS A 17 -3.34 -3.63 7.39
N ILE A 18 -2.75 -3.78 8.54
CA ILE A 18 -3.32 -3.14 9.77
C ILE A 18 -2.23 -3.00 10.84
N GLY A 19 -2.46 -2.18 11.83
CA GLY A 19 -1.45 -2.01 12.90
C GLY A 19 -0.69 -0.70 12.71
N LEU A 20 0.57 -0.68 13.04
CA LEU A 20 1.37 0.57 12.89
C LEU A 20 1.48 0.98 11.41
N PHE A 21 1.44 0.01 10.53
CA PHE A 21 1.55 0.34 9.08
C PHE A 21 0.39 1.24 8.65
N HIS A 22 0.66 2.27 7.89
CA HIS A 22 -0.43 3.17 7.43
C HIS A 22 -0.74 2.89 5.96
N LYS A 23 -1.98 2.69 5.63
CA LYS A 23 -2.34 2.41 4.20
C LYS A 23 -2.43 3.70 3.40
N ILE A 24 -1.57 3.87 2.44
CA ILE A 24 -1.63 5.11 1.60
C ILE A 24 -2.78 4.98 0.60
N GLY A 25 -2.84 3.85 -0.05
CA GLY A 25 -3.93 3.61 -1.05
C GLY A 25 -4.08 2.11 -1.25
N THR A 26 -4.82 1.70 -2.25
CA THR A 26 -4.99 0.24 -2.49
C THR A 26 -3.96 -0.26 -3.50
N CYS A 27 -3.68 -1.54 -3.51
CA CYS A 27 -2.68 -2.09 -4.47
C CYS A 27 -3.34 -2.40 -5.82
N ASN A 28 -2.67 -3.16 -6.63
CA ASN A 28 -3.23 -3.51 -7.97
C ASN A 28 -4.53 -4.31 -7.84
N PHE A 29 -4.65 -5.12 -6.83
CA PHE A 29 -5.91 -5.92 -6.66
C PHE A 29 -5.85 -6.79 -5.41
N ARG A 30 -6.93 -6.90 -4.70
CA ARG A 30 -6.96 -7.73 -3.47
C ARG A 30 -5.77 -7.40 -2.56
N PHE A 31 -5.25 -6.20 -2.67
CA PHE A 31 -4.09 -5.82 -1.81
C PHE A 31 -4.15 -4.32 -1.47
N LYS A 32 -3.60 -3.94 -0.36
CA LYS A 32 -3.62 -2.49 0.02
C LYS A 32 -2.20 -1.94 0.05
N CYS A 33 -2.04 -0.66 -0.13
CA CYS A 33 -0.68 -0.05 -0.11
C CYS A 33 -0.40 0.57 1.25
N CYS A 34 0.67 0.19 1.88
CA CYS A 34 1.02 0.76 3.22
C CYS A 34 2.49 1.18 3.26
N LYS A 35 2.85 1.98 4.22
CA LYS A 35 4.27 2.43 4.32
C LYS A 35 4.77 2.25 5.76
N PHE A 36 6.00 1.82 5.93
CA PHE A 36 6.53 1.63 7.30
C PHE A 36 7.81 2.45 7.49
N GLN A 37 8.21 2.69 8.71
CA GLN A 37 9.45 3.49 8.96
C GLN A 37 10.68 2.69 8.53
N ASN A 1 -9.20 13.57 -7.22
CA ASN A 1 -7.89 13.63 -7.92
C ASN A 1 -7.66 12.35 -8.72
N SER A 2 -6.58 12.29 -9.46
CA SER A 2 -6.30 11.07 -10.27
C SER A 2 -5.72 9.97 -9.38
N LYS A 3 -6.06 8.74 -9.65
CA LYS A 3 -5.53 7.62 -8.82
C LYS A 3 -4.07 7.35 -9.15
N ARG A 4 -3.27 7.00 -8.17
CA ARG A 4 -1.84 6.72 -8.43
C ARG A 4 -1.49 5.31 -7.97
N ALA A 5 -0.52 4.69 -8.59
CA ALA A 5 -0.12 3.31 -8.18
C ALA A 5 0.84 3.38 -6.99
N CYS A 6 0.35 3.13 -5.82
CA CYS A 6 1.23 3.18 -4.61
C CYS A 6 2.31 2.08 -4.71
N TYR A 7 2.03 1.03 -5.43
CA TYR A 7 3.03 -0.07 -5.56
C TYR A 7 4.27 0.46 -6.29
N ARG A 8 4.10 1.28 -7.27
CA ARG A 8 5.27 1.82 -8.02
C ARG A 8 6.22 2.54 -7.05
N GLU A 9 5.67 3.20 -6.07
CA GLU A 9 6.53 3.92 -5.09
C GLU A 9 7.51 2.96 -4.42
N GLY A 10 7.13 1.72 -4.29
CA GLY A 10 8.04 0.73 -3.66
C GLY A 10 7.57 0.43 -2.23
N GLY A 11 6.39 0.88 -1.88
CA GLY A 11 5.88 0.62 -0.51
C GLY A 11 5.56 -0.86 -0.35
N GLU A 12 5.03 -1.25 0.78
CA GLU A 12 4.70 -2.69 0.99
C GLU A 12 3.18 -2.88 1.01
N CYS A 13 2.67 -3.82 0.25
CA CYS A 13 1.20 -4.04 0.24
C CYS A 13 0.85 -5.31 0.99
N LEU A 14 -0.15 -5.27 1.84
CA LEU A 14 -0.54 -6.47 2.61
C LEU A 14 -1.99 -6.85 2.32
N GLN A 15 -2.31 -8.11 2.42
CA GLN A 15 -3.72 -8.53 2.16
C GLN A 15 -4.63 -7.99 3.26
N ARG A 16 -4.08 -7.73 4.41
CA ARG A 16 -4.90 -7.18 5.53
C ARG A 16 -4.07 -6.22 6.37
N CYS A 17 -3.56 -5.17 5.76
CA CYS A 17 -2.73 -4.18 6.51
C CYS A 17 -3.26 -3.99 7.93
N ILE A 18 -2.44 -4.24 8.92
CA ILE A 18 -2.89 -4.09 10.33
C ILE A 18 -2.92 -2.61 10.72
N GLY A 19 -3.46 -2.29 11.86
CA GLY A 19 -3.52 -0.87 12.29
C GLY A 19 -2.10 -0.31 12.36
N LEU A 20 -1.22 -1.02 13.03
CA LEU A 20 0.19 -0.54 13.14
C LEU A 20 0.67 0.01 11.79
N PHE A 21 0.31 -0.65 10.72
CA PHE A 21 0.76 -0.17 9.38
C PHE A 21 -0.17 0.94 8.89
N HIS A 22 0.38 1.95 8.27
CA HIS A 22 -0.46 3.06 7.76
C HIS A 22 -0.76 2.85 6.27
N LYS A 23 -1.95 3.11 5.84
CA LYS A 23 -2.28 2.91 4.40
C LYS A 23 -2.12 4.22 3.63
N ILE A 24 -1.25 4.24 2.66
CA ILE A 24 -1.06 5.48 1.85
C ILE A 24 -2.01 5.44 0.66
N GLY A 25 -2.17 4.28 0.07
CA GLY A 25 -3.08 4.15 -1.10
C GLY A 25 -3.38 2.66 -1.30
N THR A 26 -3.90 2.30 -2.46
CA THR A 26 -4.21 0.87 -2.70
C THR A 26 -3.16 0.25 -3.63
N CYS A 27 -3.17 -1.05 -3.74
CA CYS A 27 -2.18 -1.73 -4.63
C CYS A 27 -2.91 -2.50 -5.74
N ASN A 28 -2.20 -3.28 -6.49
CA ASN A 28 -2.86 -4.05 -7.59
C ASN A 28 -3.25 -5.45 -7.10
N PHE A 29 -4.26 -6.04 -7.71
CA PHE A 29 -4.69 -7.41 -7.28
C PHE A 29 -5.40 -7.35 -5.93
N ARG A 30 -6.15 -6.31 -5.68
CA ARG A 30 -6.88 -6.19 -4.38
C ARG A 30 -5.90 -6.18 -3.20
N PHE A 31 -4.91 -5.32 -3.24
CA PHE A 31 -3.94 -5.26 -2.11
C PHE A 31 -3.85 -3.83 -1.59
N LYS A 32 -3.75 -3.66 -0.29
CA LYS A 32 -3.64 -2.28 0.26
C LYS A 32 -2.18 -1.84 0.29
N CYS A 33 -1.92 -0.57 0.30
CA CYS A 33 -0.51 -0.10 0.33
C CYS A 33 -0.15 0.37 1.75
N CYS A 34 0.86 -0.18 2.33
CA CYS A 34 1.24 0.24 3.71
C CYS A 34 2.76 0.27 3.87
N LYS A 35 3.25 1.08 4.77
CA LYS A 35 4.73 1.16 4.98
C LYS A 35 5.04 1.13 6.47
N PHE A 36 6.25 0.79 6.83
CA PHE A 36 6.60 0.75 8.28
C PHE A 36 7.61 1.85 8.62
N GLN A 37 7.31 2.67 9.59
CA GLN A 37 8.24 3.76 9.97
C GLN A 37 9.30 3.26 10.95
N ASN A 1 -0.90 6.26 -16.66
CA ASN A 1 -0.84 7.26 -15.55
C ASN A 1 -2.19 7.34 -14.85
N SER A 2 -3.19 6.67 -15.36
CA SER A 2 -4.53 6.71 -14.70
C SER A 2 -4.42 6.16 -13.28
N LYS A 3 -3.61 5.18 -13.07
CA LYS A 3 -3.45 4.60 -11.70
C LYS A 3 -1.98 4.62 -11.28
N ARG A 4 -1.72 4.73 -10.01
CA ARG A 4 -0.31 4.75 -9.55
C ARG A 4 0.10 3.37 -9.02
N ALA A 5 1.37 3.13 -8.86
CA ALA A 5 1.82 1.80 -8.37
C ALA A 5 2.57 1.95 -7.04
N CYS A 6 2.01 1.45 -5.97
CA CYS A 6 2.70 1.56 -4.66
C CYS A 6 4.08 0.89 -4.74
N TYR A 7 4.25 -0.02 -5.66
CA TYR A 7 5.57 -0.71 -5.79
C TYR A 7 6.65 0.32 -6.13
N ARG A 8 6.32 1.30 -6.92
CA ARG A 8 7.31 2.34 -7.29
C ARG A 8 7.68 3.18 -6.06
N GLU A 9 6.71 3.49 -5.24
CA GLU A 9 6.98 4.30 -4.03
C GLU A 9 7.87 3.50 -3.05
N GLY A 10 7.80 2.20 -3.13
CA GLY A 10 8.63 1.35 -2.22
C GLY A 10 7.79 0.88 -1.03
N GLY A 11 6.53 1.22 -1.01
CA GLY A 11 5.66 0.79 0.12
C GLY A 11 5.45 -0.73 0.03
N GLU A 12 4.58 -1.27 0.85
CA GLU A 12 4.33 -2.74 0.82
C GLU A 12 2.82 -3.02 0.76
N CYS A 13 2.43 -4.03 0.06
CA CYS A 13 0.97 -4.35 -0.05
C CYS A 13 0.63 -5.57 0.80
N LEU A 14 -0.28 -5.43 1.73
CA LEU A 14 -0.66 -6.58 2.60
C LEU A 14 -2.16 -6.85 2.49
N GLN A 15 -2.55 -8.10 2.54
CA GLN A 15 -4.01 -8.42 2.45
C GLN A 15 -4.78 -7.69 3.55
N ARG A 16 -4.10 -7.27 4.57
CA ARG A 16 -4.79 -6.55 5.69
C ARG A 16 -3.75 -5.91 6.61
N CYS A 17 -3.12 -4.86 6.16
CA CYS A 17 -2.09 -4.19 7.01
C CYS A 17 -2.54 -4.12 8.47
N ILE A 18 -1.63 -4.19 9.39
CA ILE A 18 -2.00 -4.12 10.83
C ILE A 18 -2.15 -2.67 11.28
N GLY A 19 -2.60 -2.45 12.48
CA GLY A 19 -2.76 -1.05 12.96
C GLY A 19 -1.45 -0.28 12.79
N LEU A 20 -0.36 -0.88 13.18
CA LEU A 20 0.96 -0.20 13.05
C LEU A 20 1.16 0.33 11.62
N PHE A 21 0.85 -0.47 10.64
CA PHE A 21 1.03 -0.02 9.23
C PHE A 21 -0.08 0.95 8.81
N HIS A 22 0.23 1.86 7.93
CA HIS A 22 -0.81 2.84 7.47
C HIS A 22 -1.12 2.61 5.99
N LYS A 23 -2.35 2.76 5.59
CA LYS A 23 -2.71 2.54 4.16
C LYS A 23 -2.78 3.87 3.41
N ILE A 24 -1.99 4.02 2.38
CA ILE A 24 -2.04 5.29 1.59
C ILE A 24 -3.13 5.17 0.53
N GLY A 25 -3.35 3.99 0.04
CA GLY A 25 -4.40 3.78 -1.00
C GLY A 25 -4.63 2.28 -1.17
N THR A 26 -4.65 1.80 -2.38
CA THR A 26 -4.86 0.34 -2.61
C THR A 26 -3.80 -0.21 -3.55
N CYS A 27 -3.64 -1.51 -3.59
CA CYS A 27 -2.62 -2.11 -4.49
C CYS A 27 -3.26 -2.54 -5.81
N ASN A 28 -2.65 -3.46 -6.48
CA ASN A 28 -3.19 -3.94 -7.78
C ASN A 28 -4.55 -4.63 -7.60
N PHE A 29 -5.50 -3.95 -7.03
CA PHE A 29 -6.85 -4.56 -6.84
C PHE A 29 -6.73 -5.91 -6.11
N ARG A 30 -5.63 -6.18 -5.49
CA ARG A 30 -5.48 -7.48 -4.77
C ARG A 30 -5.09 -7.24 -3.31
N PHE A 31 -4.22 -6.31 -3.06
CA PHE A 31 -3.80 -6.04 -1.66
C PHE A 31 -3.95 -4.55 -1.35
N LYS A 32 -3.82 -4.17 -0.11
CA LYS A 32 -3.94 -2.72 0.24
C LYS A 32 -2.58 -2.03 0.10
N CYS A 33 -2.58 -0.74 -0.07
CA CYS A 33 -1.29 -0.01 -0.22
C CYS A 33 -0.85 0.54 1.14
N CYS A 34 0.21 -0.01 1.70
CA CYS A 34 0.68 0.48 3.02
C CYS A 34 2.17 0.79 2.97
N LYS A 35 2.67 1.52 3.94
CA LYS A 35 4.13 1.85 3.95
C LYS A 35 4.71 1.57 5.32
N PHE A 36 5.84 0.90 5.38
CA PHE A 36 6.45 0.59 6.70
C PHE A 36 7.70 1.45 6.91
N GLN A 37 7.75 2.19 7.98
CA GLN A 37 8.94 3.06 8.24
C GLN A 37 9.57 2.71 9.59
N ASN A 1 6.63 4.29 -16.61
CA ASN A 1 5.37 3.70 -17.16
C ASN A 1 4.18 4.07 -16.27
N SER A 2 4.44 4.39 -15.02
CA SER A 2 3.32 4.76 -14.11
C SER A 2 3.70 6.01 -13.30
N LYS A 3 2.76 6.91 -13.11
CA LYS A 3 3.07 8.15 -12.33
C LYS A 3 3.41 7.79 -10.89
N ARG A 4 2.77 6.79 -10.34
CA ARG A 4 3.05 6.39 -8.94
C ARG A 4 3.39 4.90 -8.87
N ALA A 5 4.10 4.49 -7.85
CA ALA A 5 4.46 3.04 -7.73
C ALA A 5 4.18 2.55 -6.31
N CYS A 6 3.12 1.80 -6.14
CA CYS A 6 2.79 1.29 -4.77
C CYS A 6 3.93 0.41 -4.26
N TYR A 7 4.68 -0.18 -5.14
CA TYR A 7 5.81 -1.05 -4.70
C TYR A 7 6.87 -0.22 -3.98
N ARG A 8 7.08 0.99 -4.43
CA ARG A 8 8.11 1.86 -3.78
C ARG A 8 7.43 2.84 -2.82
N GLU A 9 6.50 3.61 -3.31
CA GLU A 9 5.80 4.58 -2.43
C GLU A 9 4.70 3.87 -1.64
N GLY A 10 4.18 2.80 -2.16
CA GLY A 10 3.11 2.06 -1.45
C GLY A 10 3.74 1.01 -0.53
N GLY A 11 5.03 1.04 -0.38
CA GLY A 11 5.70 0.04 0.50
C GLY A 11 5.37 -1.37 0.00
N GLU A 12 4.71 -2.16 0.81
CA GLU A 12 4.36 -3.55 0.38
C GLU A 12 2.84 -3.74 0.39
N CYS A 13 2.33 -4.50 -0.54
CA CYS A 13 0.85 -4.74 -0.58
C CYS A 13 0.52 -6.01 0.20
N LEU A 14 -0.38 -5.92 1.15
CA LEU A 14 -0.73 -7.12 1.95
C LEU A 14 -2.26 -7.30 1.98
N GLN A 15 -2.71 -8.47 2.37
CA GLN A 15 -4.19 -8.71 2.42
C GLN A 15 -4.79 -7.96 3.62
N ARG A 16 -4.14 -8.01 4.74
CA ARG A 16 -4.66 -7.28 5.94
C ARG A 16 -3.62 -6.28 6.43
N CYS A 17 -3.30 -5.30 5.62
CA CYS A 17 -2.28 -4.29 6.00
C CYS A 17 -2.34 -3.99 7.50
N ILE A 18 -1.27 -4.24 8.20
CA ILE A 18 -1.25 -3.97 9.66
C ILE A 18 -1.52 -2.48 9.92
N GLY A 19 -1.77 -2.11 11.15
CA GLY A 19 -2.04 -0.68 11.46
C GLY A 19 -0.73 0.11 11.47
N LEU A 20 0.24 -0.38 12.18
CA LEU A 20 1.55 0.34 12.24
C LEU A 20 1.94 0.86 10.86
N PHE A 21 1.57 0.16 9.82
CA PHE A 21 1.92 0.62 8.45
C PHE A 21 0.80 1.50 7.88
N HIS A 22 1.07 2.74 7.63
CA HIS A 22 0.02 3.64 7.07
C HIS A 22 -0.37 3.20 5.66
N LYS A 23 -1.63 3.25 5.33
CA LYS A 23 -2.07 2.83 3.97
C LYS A 23 -2.33 4.06 3.10
N ILE A 24 -1.47 4.32 2.15
CA ILE A 24 -1.67 5.50 1.26
C ILE A 24 -2.86 5.26 0.34
N GLY A 25 -3.14 4.02 0.02
CA GLY A 25 -4.28 3.71 -0.88
C GLY A 25 -4.34 2.20 -1.12
N THR A 26 -4.54 1.79 -2.33
CA THR A 26 -4.59 0.32 -2.62
C THR A 26 -3.63 -0.05 -3.74
N CYS A 27 -3.37 -1.31 -3.91
CA CYS A 27 -2.44 -1.75 -4.99
C CYS A 27 -3.26 -2.26 -6.18
N ASN A 28 -2.60 -2.74 -7.20
CA ASN A 28 -3.35 -3.27 -8.37
C ASN A 28 -3.84 -4.68 -8.08
N PHE A 29 -4.51 -4.86 -6.96
CA PHE A 29 -5.00 -6.22 -6.60
C PHE A 29 -5.75 -6.15 -5.26
N ARG A 30 -6.30 -7.24 -4.81
CA ARG A 30 -7.04 -7.23 -3.52
C ARG A 30 -6.17 -6.67 -2.39
N PHE A 31 -4.88 -6.61 -2.59
CA PHE A 31 -4.00 -6.08 -1.51
C PHE A 31 -4.09 -4.55 -1.45
N LYS A 32 -3.57 -3.96 -0.40
CA LYS A 32 -3.62 -2.47 -0.28
C LYS A 32 -2.21 -1.89 -0.19
N CYS A 33 -2.05 -0.62 -0.45
CA CYS A 33 -0.68 -0.01 -0.38
C CYS A 33 -0.39 0.44 1.06
N CYS A 34 0.78 0.14 1.56
CA CYS A 34 1.13 0.55 2.95
C CYS A 34 2.59 0.98 3.02
N LYS A 35 2.91 1.93 3.87
CA LYS A 35 4.32 2.39 3.98
C LYS A 35 4.92 1.91 5.31
N PHE A 36 6.06 1.27 5.26
CA PHE A 36 6.71 0.78 6.50
C PHE A 36 8.15 1.28 6.59
N GLN A 37 8.74 1.24 7.76
CA GLN A 37 10.14 1.72 7.91
C GLN A 37 10.87 0.91 9.00
N ASN A 1 1.27 17.46 -9.79
CA ASN A 1 2.07 16.20 -9.73
C ASN A 1 1.13 15.00 -9.57
N SER A 2 1.59 13.83 -9.95
CA SER A 2 0.71 12.62 -9.83
C SER A 2 1.56 11.41 -9.39
N LYS A 3 0.95 10.46 -8.74
CA LYS A 3 1.70 9.26 -8.29
C LYS A 3 1.22 8.02 -9.05
N ARG A 4 2.04 7.02 -9.16
CA ARG A 4 1.62 5.79 -9.90
C ARG A 4 2.50 4.59 -9.49
N ALA A 5 2.01 3.40 -9.68
CA ALA A 5 2.82 2.20 -9.31
C ALA A 5 3.00 2.13 -7.79
N CYS A 6 2.29 1.26 -7.13
CA CYS A 6 2.43 1.15 -5.65
C CYS A 6 3.87 0.76 -5.30
N TYR A 7 4.56 0.12 -6.21
CA TYR A 7 5.97 -0.27 -5.93
C TYR A 7 6.86 0.98 -5.90
N ARG A 8 6.49 1.99 -6.63
CA ARG A 8 7.31 3.24 -6.63
C ARG A 8 7.23 3.93 -5.27
N GLU A 9 6.11 3.84 -4.61
CA GLU A 9 5.97 4.48 -3.27
C GLU A 9 7.01 3.92 -2.30
N GLY A 10 7.44 2.71 -2.51
CA GLY A 10 8.45 2.11 -1.60
C GLY A 10 7.74 1.27 -0.53
N GLY A 11 6.45 1.41 -0.41
CA GLY A 11 5.70 0.63 0.61
C GLY A 11 5.44 -0.78 0.07
N GLU A 12 4.79 -1.61 0.86
CA GLU A 12 4.50 -3.00 0.39
C GLU A 12 3.00 -3.26 0.42
N CYS A 13 2.50 -4.06 -0.48
CA CYS A 13 1.04 -4.35 -0.50
C CYS A 13 0.72 -5.51 0.44
N LEU A 14 -0.16 -5.31 1.38
CA LEU A 14 -0.51 -6.39 2.33
C LEU A 14 -1.94 -6.89 2.07
N GLN A 15 -2.15 -8.18 2.14
CA GLN A 15 -3.51 -8.73 1.92
C GLN A 15 -4.45 -8.27 3.04
N ARG A 16 -3.90 -7.98 4.19
CA ARG A 16 -4.75 -7.52 5.32
C ARG A 16 -4.02 -6.42 6.09
N CYS A 17 -3.64 -5.37 5.40
CA CYS A 17 -2.91 -4.25 6.08
C CYS A 17 -3.50 -4.00 7.47
N ILE A 18 -2.66 -3.65 8.41
CA ILE A 18 -3.16 -3.39 9.79
C ILE A 18 -2.81 -1.96 10.22
N GLY A 19 -3.27 -1.55 11.37
CA GLY A 19 -2.97 -0.17 11.84
C GLY A 19 -1.46 0.06 11.84
N LEU A 20 -0.72 -0.85 12.40
CA LEU A 20 0.76 -0.68 12.43
C LEU A 20 1.28 -0.18 11.09
N PHE A 21 0.70 -0.66 10.02
CA PHE A 21 1.16 -0.24 8.67
C PHE A 21 0.24 0.85 8.11
N HIS A 22 0.75 2.03 7.89
CA HIS A 22 -0.10 3.11 7.34
C HIS A 22 -0.42 2.82 5.87
N LYS A 23 -1.65 3.02 5.46
CA LYS A 23 -2.00 2.73 4.04
C LYS A 23 -1.71 3.96 3.17
N ILE A 24 -0.63 3.94 2.45
CA ILE A 24 -0.30 5.09 1.57
C ILE A 24 -1.36 5.24 0.48
N GLY A 25 -1.79 4.14 -0.08
CA GLY A 25 -2.84 4.20 -1.13
C GLY A 25 -3.53 2.84 -1.24
N THR A 26 -3.68 2.33 -2.42
CA THR A 26 -4.35 1.01 -2.59
C THR A 26 -3.61 0.17 -3.64
N CYS A 27 -3.44 -1.10 -3.38
CA CYS A 27 -2.74 -1.97 -4.37
C CYS A 27 -3.75 -2.71 -5.22
N ASN A 28 -3.35 -3.78 -5.84
CA ASN A 28 -4.30 -4.56 -6.67
C ASN A 28 -5.56 -4.88 -5.85
N PHE A 29 -6.62 -5.28 -6.49
CA PHE A 29 -7.88 -5.58 -5.74
C PHE A 29 -7.66 -6.70 -4.72
N ARG A 30 -6.56 -7.38 -4.78
CA ARG A 30 -6.32 -8.48 -3.79
C ARG A 30 -5.40 -8.00 -2.66
N PHE A 31 -4.82 -6.84 -2.79
CA PHE A 31 -3.91 -6.35 -1.71
C PHE A 31 -4.04 -4.83 -1.57
N LYS A 32 -3.74 -4.31 -0.41
CA LYS A 32 -3.82 -2.84 -0.21
C LYS A 32 -2.40 -2.25 -0.13
N CYS A 33 -2.24 -1.01 -0.45
CA CYS A 33 -0.88 -0.40 -0.40
C CYS A 33 -0.58 0.18 0.99
N CYS A 34 0.49 -0.28 1.61
CA CYS A 34 0.84 0.24 2.96
C CYS A 34 2.36 0.39 3.10
N LYS A 35 2.81 1.15 4.06
CA LYS A 35 4.28 1.33 4.23
C LYS A 35 4.63 1.36 5.72
N PHE A 36 5.86 1.05 6.05
CA PHE A 36 6.27 1.06 7.49
C PHE A 36 7.19 2.24 7.77
N GLN A 37 6.96 2.94 8.86
CA GLN A 37 7.83 4.10 9.18
C GLN A 37 8.14 4.13 10.68
N ASN A 1 -1.00 3.40 -16.32
CA ASN A 1 -1.94 2.81 -15.31
C ASN A 1 -2.62 3.93 -14.53
N SER A 2 -3.87 4.19 -14.81
CA SER A 2 -4.60 5.26 -14.07
C SER A 2 -4.48 5.03 -12.56
N LYS A 3 -4.42 3.80 -12.14
CA LYS A 3 -4.29 3.52 -10.68
C LYS A 3 -2.82 3.60 -10.25
N ARG A 4 -2.57 4.13 -9.09
CA ARG A 4 -1.16 4.24 -8.61
C ARG A 4 -0.59 2.85 -8.28
N ALA A 5 0.70 2.74 -8.24
CA ALA A 5 1.33 1.41 -7.92
C ALA A 5 2.01 1.46 -6.54
N CYS A 6 1.52 0.68 -5.61
CA CYS A 6 2.14 0.68 -4.25
C CYS A 6 3.62 0.32 -4.34
N TYR A 7 4.02 -0.31 -5.41
CA TYR A 7 5.45 -0.69 -5.56
C TYR A 7 6.29 0.57 -5.78
N ARG A 8 5.83 1.48 -6.60
CA ARG A 8 6.60 2.72 -6.84
C ARG A 8 6.72 3.53 -5.55
N GLU A 9 5.71 3.49 -4.73
CA GLU A 9 5.76 4.26 -3.45
C GLU A 9 6.86 3.71 -2.55
N GLY A 10 7.08 2.42 -2.56
CA GLY A 10 8.14 1.84 -1.69
C GLY A 10 7.50 1.01 -0.58
N GLY A 11 6.20 1.02 -0.49
CA GLY A 11 5.52 0.24 0.57
C GLY A 11 5.32 -1.20 0.10
N GLU A 12 4.62 -2.00 0.87
CA GLU A 12 4.39 -3.42 0.45
C GLU A 12 2.90 -3.72 0.39
N CYS A 13 2.50 -4.63 -0.46
CA CYS A 13 1.05 -4.97 -0.58
C CYS A 13 0.71 -6.14 0.35
N LEU A 14 -0.13 -5.91 1.33
CA LEU A 14 -0.50 -7.01 2.26
C LEU A 14 -2.02 -7.23 2.23
N GLN A 15 -2.46 -8.46 2.12
CA GLN A 15 -3.92 -8.72 2.11
C GLN A 15 -4.58 -8.09 3.32
N ARG A 16 -3.89 -8.02 4.42
CA ARG A 16 -4.48 -7.41 5.65
C ARG A 16 -3.37 -6.80 6.52
N CYS A 17 -2.71 -5.79 6.03
CA CYS A 17 -1.62 -5.15 6.83
C CYS A 17 -2.16 -4.72 8.20
N ILE A 18 -1.29 -4.35 9.09
CA ILE A 18 -1.74 -3.90 10.44
C ILE A 18 -1.84 -2.37 10.48
N GLY A 19 -2.59 -1.85 11.41
CA GLY A 19 -2.73 -0.37 11.51
C GLY A 19 -1.34 0.26 11.55
N LEU A 20 -0.47 -0.28 12.36
CA LEU A 20 0.92 0.26 12.48
C LEU A 20 1.41 0.74 11.11
N PHE A 21 1.06 0.04 10.07
CA PHE A 21 1.51 0.42 8.71
C PHE A 21 0.52 1.42 8.09
N HIS A 22 0.95 2.62 7.84
CA HIS A 22 0.03 3.62 7.24
C HIS A 22 -0.31 3.22 5.80
N LYS A 23 -1.53 3.43 5.38
CA LYS A 23 -1.92 3.06 3.99
C LYS A 23 -1.70 4.24 3.05
N ILE A 24 -0.79 4.11 2.13
CA ILE A 24 -0.55 5.23 1.16
C ILE A 24 -1.64 5.21 0.10
N GLY A 25 -1.96 4.04 -0.37
CA GLY A 25 -3.02 3.91 -1.40
C GLY A 25 -3.47 2.45 -1.48
N THR A 26 -3.75 1.95 -2.65
CA THR A 26 -4.18 0.53 -2.78
C THR A 26 -3.38 -0.17 -3.87
N CYS A 27 -3.26 -1.47 -3.79
CA CYS A 27 -2.49 -2.22 -4.83
C CYS A 27 -3.37 -2.51 -6.04
N ASN A 28 -2.93 -3.37 -6.91
CA ASN A 28 -3.73 -3.71 -8.13
C ASN A 28 -5.22 -3.80 -7.78
N PHE A 29 -5.56 -4.52 -6.76
CA PHE A 29 -7.00 -4.65 -6.39
C PHE A 29 -7.17 -5.53 -5.15
N ARG A 30 -6.74 -6.76 -5.21
CA ARG A 30 -6.90 -7.67 -4.05
C ARG A 30 -6.05 -7.21 -2.86
N PHE A 31 -4.83 -6.82 -3.10
CA PHE A 31 -3.96 -6.40 -1.98
C PHE A 31 -4.09 -4.89 -1.71
N LYS A 32 -3.66 -4.45 -0.56
CA LYS A 32 -3.75 -3.00 -0.23
C LYS A 32 -2.34 -2.43 -0.04
N CYS A 33 -2.20 -1.14 -0.04
CA CYS A 33 -0.84 -0.54 0.15
C CYS A 33 -0.65 -0.09 1.61
N CYS A 34 0.23 -0.74 2.32
CA CYS A 34 0.47 -0.35 3.73
C CYS A 34 1.97 -0.20 3.99
N LYS A 35 2.37 0.88 4.60
CA LYS A 35 3.83 1.09 4.86
C LYS A 35 4.05 1.57 6.30
N PHE A 36 5.22 1.34 6.83
CA PHE A 36 5.51 1.79 8.22
C PHE A 36 6.21 3.15 8.20
N GLN A 37 5.83 4.04 9.08
CA GLN A 37 6.47 5.38 9.11
C GLN A 37 6.88 5.74 10.54
N ASN A 1 -5.49 -0.81 -11.40
CA ASN A 1 -6.54 0.25 -11.46
C ASN A 1 -6.23 1.35 -10.43
N SER A 2 -5.03 1.85 -10.44
CA SER A 2 -4.68 2.92 -9.47
C SER A 2 -3.93 4.05 -10.18
N LYS A 3 -4.31 5.28 -9.94
CA LYS A 3 -3.63 6.42 -10.61
C LYS A 3 -2.13 6.39 -10.28
N ARG A 4 -1.79 5.94 -9.11
CA ARG A 4 -0.34 5.89 -8.73
C ARG A 4 0.08 4.44 -8.47
N ALA A 5 1.35 4.15 -8.58
CA ALA A 5 1.82 2.76 -8.34
C ALA A 5 2.52 2.66 -6.99
N CYS A 6 1.98 1.92 -6.07
CA CYS A 6 2.61 1.79 -4.73
C CYS A 6 4.00 1.17 -4.88
N TYR A 7 4.28 0.56 -6.01
CA TYR A 7 5.62 -0.06 -6.21
C TYR A 7 6.64 1.03 -6.53
N ARG A 8 6.26 2.00 -7.31
CA ARG A 8 7.21 3.10 -7.66
C ARG A 8 7.66 3.82 -6.39
N GLU A 9 6.76 4.01 -5.46
CA GLU A 9 7.13 4.71 -4.20
C GLU A 9 8.13 3.87 -3.40
N GLY A 10 7.96 2.57 -3.42
CA GLY A 10 8.89 1.69 -2.66
C GLY A 10 8.17 1.13 -1.43
N GLY A 11 6.88 1.26 -1.36
CA GLY A 11 6.13 0.73 -0.19
C GLY A 11 5.80 -0.75 -0.42
N GLU A 12 4.97 -1.31 0.41
CA GLU A 12 4.61 -2.75 0.26
C GLU A 12 3.08 -2.91 0.21
N CYS A 13 2.60 -3.87 -0.53
CA CYS A 13 1.12 -4.07 -0.61
C CYS A 13 0.70 -5.24 0.28
N LEU A 14 -0.18 -5.01 1.21
CA LEU A 14 -0.63 -6.11 2.12
C LEU A 14 -2.09 -6.47 1.83
N GLN A 15 -2.44 -7.72 1.98
CA GLN A 15 -3.85 -8.14 1.73
C GLN A 15 -4.74 -7.69 2.89
N ARG A 16 -4.18 -7.51 4.05
CA ARG A 16 -4.99 -7.07 5.22
C ARG A 16 -4.15 -6.20 6.15
N CYS A 17 -3.73 -5.04 5.69
CA CYS A 17 -2.90 -4.14 6.54
C CYS A 17 -3.37 -4.17 8.00
N ILE A 18 -2.52 -3.81 8.91
CA ILE A 18 -2.92 -3.81 10.35
C ILE A 18 -2.59 -2.45 10.98
N GLY A 19 -3.01 -2.23 12.19
CA GLY A 19 -2.73 -0.93 12.85
C GLY A 19 -1.25 -0.58 12.66
N LEU A 20 -0.38 -1.51 12.88
CA LEU A 20 1.07 -1.25 12.70
C LEU A 20 1.35 -0.59 11.36
N PHE A 21 0.62 -0.97 10.34
CA PHE A 21 0.87 -0.38 9.00
C PHE A 21 -0.31 0.50 8.57
N HIS A 22 -0.02 1.61 7.94
CA HIS A 22 -1.11 2.53 7.47
C HIS A 22 -1.14 2.54 5.94
N LYS A 23 -2.31 2.42 5.36
CA LYS A 23 -2.39 2.40 3.88
C LYS A 23 -2.00 3.76 3.27
N ILE A 24 -1.03 3.75 2.40
CA ILE A 24 -0.59 5.03 1.75
C ILE A 24 -1.39 5.20 0.46
N GLY A 25 -1.67 4.12 -0.20
CA GLY A 25 -2.45 4.20 -1.46
C GLY A 25 -3.21 2.90 -1.68
N THR A 26 -3.16 2.34 -2.86
CA THR A 26 -3.90 1.07 -3.11
C THR A 26 -3.02 0.07 -3.86
N CYS A 27 -3.44 -1.17 -3.91
CA CYS A 27 -2.66 -2.22 -4.62
C CYS A 27 -3.62 -3.19 -5.31
N ASN A 28 -3.13 -4.34 -5.71
CA ASN A 28 -4.02 -5.32 -6.39
C ASN A 28 -5.39 -5.36 -5.69
N PHE A 29 -6.42 -5.77 -6.39
CA PHE A 29 -7.77 -5.81 -5.77
C PHE A 29 -7.73 -6.54 -4.42
N ARG A 30 -6.93 -7.55 -4.30
CA ARG A 30 -6.86 -8.30 -3.00
C ARG A 30 -5.74 -7.76 -2.12
N PHE A 31 -5.12 -6.69 -2.51
CA PHE A 31 -4.01 -6.13 -1.69
C PHE A 31 -4.08 -4.61 -1.66
N LYS A 32 -3.54 -4.00 -0.64
CA LYS A 32 -3.58 -2.51 -0.55
C LYS A 32 -2.18 -1.97 -0.27
N CYS A 33 -1.92 -0.74 -0.61
CA CYS A 33 -0.57 -0.16 -0.37
C CYS A 33 -0.43 0.27 1.09
N CYS A 34 0.51 -0.30 1.79
CA CYS A 34 0.69 0.07 3.23
C CYS A 34 2.18 0.17 3.57
N LYS A 35 2.58 1.22 4.22
CA LYS A 35 4.03 1.37 4.58
C LYS A 35 4.18 1.55 6.09
N PHE A 36 5.33 1.21 6.63
CA PHE A 36 5.53 1.37 8.10
C PHE A 36 5.89 2.81 8.42
N GLN A 37 5.36 3.34 9.49
CA GLN A 37 5.68 4.76 9.86
C GLN A 37 5.63 4.93 11.38
N ASN A 1 -0.98 9.08 -15.56
CA ASN A 1 -0.72 10.03 -14.43
C ASN A 1 -1.74 9.82 -13.31
N SER A 2 -2.99 9.76 -13.65
CA SER A 2 -4.03 9.56 -12.59
C SER A 2 -3.72 8.29 -11.79
N LYS A 3 -3.47 7.20 -12.47
CA LYS A 3 -3.15 5.94 -11.74
C LYS A 3 -1.87 6.12 -10.93
N ARG A 4 -1.74 5.42 -9.83
CA ARG A 4 -0.51 5.56 -8.99
C ARG A 4 0.18 4.22 -8.81
N ALA A 5 1.47 4.23 -8.64
CA ALA A 5 2.22 2.96 -8.45
C ALA A 5 2.59 2.78 -6.98
N CYS A 6 2.15 1.70 -6.38
CA CYS A 6 2.48 1.47 -4.94
C CYS A 6 3.93 0.99 -4.81
N TYR A 7 4.51 0.55 -5.88
CA TYR A 7 5.93 0.07 -5.81
C TYR A 7 6.88 1.27 -5.83
N ARG A 8 6.68 2.20 -6.72
CA ARG A 8 7.57 3.39 -6.76
C ARG A 8 7.69 3.99 -5.36
N GLU A 9 6.63 3.96 -4.60
CA GLU A 9 6.68 4.52 -3.22
C GLU A 9 7.72 3.78 -2.39
N GLY A 10 7.82 2.49 -2.57
CA GLY A 10 8.81 1.70 -1.80
C GLY A 10 8.11 1.00 -0.62
N GLY A 11 6.81 1.12 -0.55
CA GLY A 11 6.09 0.45 0.58
C GLY A 11 5.84 -1.02 0.22
N GLU A 12 4.88 -1.63 0.86
CA GLU A 12 4.59 -3.07 0.58
C GLU A 12 3.08 -3.32 0.63
N CYS A 13 2.55 -4.05 -0.32
CA CYS A 13 1.09 -4.33 -0.31
C CYS A 13 0.79 -5.52 0.61
N LEU A 14 -0.24 -5.43 1.40
CA LEU A 14 -0.58 -6.55 2.32
C LEU A 14 -2.05 -6.94 2.16
N GLN A 15 -2.32 -8.22 2.07
CA GLN A 15 -3.73 -8.67 1.91
C GLN A 15 -4.58 -8.22 3.10
N ARG A 16 -3.96 -7.98 4.23
CA ARG A 16 -4.72 -7.53 5.43
C ARG A 16 -3.90 -6.51 6.22
N CYS A 17 -3.40 -5.50 5.56
CA CYS A 17 -2.59 -4.47 6.27
C CYS A 17 -3.24 -4.11 7.61
N ILE A 18 -2.45 -3.95 8.63
CA ILE A 18 -3.02 -3.61 9.97
C ILE A 18 -2.68 -2.15 10.31
N GLY A 19 -3.16 -1.67 11.43
CA GLY A 19 -2.86 -0.27 11.83
C GLY A 19 -1.36 -0.03 11.81
N LEU A 20 -0.61 -0.89 12.43
CA LEU A 20 0.87 -0.73 12.47
C LEU A 20 1.39 -0.26 11.10
N PHE A 21 0.72 -0.64 10.05
CA PHE A 21 1.18 -0.23 8.69
C PHE A 21 0.20 0.79 8.10
N HIS A 22 0.63 2.01 7.91
CA HIS A 22 -0.28 3.03 7.31
C HIS A 22 -0.59 2.67 5.87
N LYS A 23 -1.75 3.00 5.39
CA LYS A 23 -2.10 2.66 3.99
C LYS A 23 -2.18 3.92 3.12
N ILE A 24 -1.27 4.08 2.21
CA ILE A 24 -1.32 5.28 1.32
C ILE A 24 -2.50 5.14 0.35
N GLY A 25 -2.67 3.95 -0.16
CA GLY A 25 -3.79 3.69 -1.11
C GLY A 25 -4.05 2.19 -1.17
N THR A 26 -4.63 1.72 -2.24
CA THR A 26 -4.90 0.26 -2.36
C THR A 26 -4.10 -0.33 -3.52
N CYS A 27 -3.60 -1.52 -3.37
CA CYS A 27 -2.81 -2.15 -4.47
C CYS A 27 -3.75 -2.88 -5.43
N ASN A 28 -3.21 -3.49 -6.45
CA ASN A 28 -4.07 -4.22 -7.42
C ASN A 28 -4.79 -5.39 -6.73
N PHE A 29 -5.95 -5.75 -7.21
CA PHE A 29 -6.70 -6.88 -6.58
C PHE A 29 -7.26 -6.47 -5.22
N ARG A 30 -7.22 -7.35 -4.25
CA ARG A 30 -7.77 -7.00 -2.91
C ARG A 30 -6.64 -6.58 -1.96
N PHE A 31 -5.44 -6.50 -2.45
CA PHE A 31 -4.30 -6.09 -1.56
C PHE A 31 -4.26 -4.57 -1.42
N LYS A 32 -3.96 -4.09 -0.23
CA LYS A 32 -3.91 -2.62 -0.02
C LYS A 32 -2.46 -2.13 -0.04
N CYS A 33 -2.24 -0.87 -0.24
CA CYS A 33 -0.85 -0.33 -0.28
C CYS A 33 -0.51 0.31 1.07
N CYS A 34 0.55 -0.14 1.71
CA CYS A 34 0.92 0.45 3.03
C CYS A 34 2.40 0.83 3.05
N LYS A 35 2.80 1.64 4.00
CA LYS A 35 4.23 2.04 4.06
C LYS A 35 4.79 1.79 5.47
N PHE A 36 5.95 1.20 5.56
CA PHE A 36 6.55 0.92 6.89
C PHE A 36 7.40 2.11 7.35
N GLN A 37 7.32 2.47 8.60
CA GLN A 37 8.11 3.61 9.11
C GLN A 37 8.68 3.30 10.50
N ASN A 1 -1.56 6.35 -16.98
CA ASN A 1 -1.82 4.97 -16.46
C ASN A 1 -2.70 5.04 -15.21
N SER A 2 -2.10 5.17 -14.06
CA SER A 2 -2.90 5.24 -12.80
C SER A 2 -2.64 6.56 -12.07
N LYS A 3 -3.62 7.07 -11.37
CA LYS A 3 -3.42 8.35 -10.64
C LYS A 3 -2.22 8.25 -9.71
N ARG A 4 -2.08 7.14 -9.04
CA ARG A 4 -0.92 6.97 -8.11
C ARG A 4 -0.41 5.52 -8.18
N ALA A 5 0.85 5.32 -7.97
CA ALA A 5 1.40 3.93 -8.02
C ALA A 5 2.15 3.60 -6.73
N CYS A 6 1.59 2.75 -5.91
CA CYS A 6 2.29 2.39 -4.64
C CYS A 6 3.58 1.64 -4.96
N TYR A 7 3.66 1.05 -6.11
CA TYR A 7 4.90 0.31 -6.49
C TYR A 7 6.09 1.27 -6.56
N ARG A 8 5.90 2.41 -7.16
CA ARG A 8 7.00 3.41 -7.26
C ARG A 8 7.49 3.79 -5.85
N GLU A 9 6.57 3.96 -4.93
CA GLU A 9 6.98 4.33 -3.55
C GLU A 9 7.80 3.20 -2.92
N GLY A 10 7.63 2.00 -3.39
CA GLY A 10 8.40 0.85 -2.82
C GLY A 10 7.69 0.33 -1.57
N GLY A 11 6.50 0.80 -1.32
CA GLY A 11 5.75 0.31 -0.13
C GLY A 11 5.46 -1.18 -0.28
N GLU A 12 4.84 -1.78 0.70
CA GLU A 12 4.52 -3.24 0.62
C GLU A 12 3.01 -3.45 0.63
N CYS A 13 2.49 -4.17 -0.33
CA CYS A 13 1.02 -4.40 -0.37
C CYS A 13 0.67 -5.71 0.34
N LEU A 14 -0.11 -5.65 1.38
CA LEU A 14 -0.49 -6.89 2.11
C LEU A 14 -2.00 -7.14 1.97
N GLN A 15 -2.42 -8.38 2.10
CA GLN A 15 -3.87 -8.68 1.98
C GLN A 15 -4.60 -8.23 3.24
N ARG A 16 -3.88 -8.00 4.31
CA ARG A 16 -4.54 -7.55 5.56
C ARG A 16 -3.56 -6.71 6.41
N CYS A 17 -3.05 -5.64 5.84
CA CYS A 17 -2.09 -4.78 6.60
C CYS A 17 -2.50 -4.68 8.07
N ILE A 18 -1.56 -4.46 8.94
CA ILE A 18 -1.90 -4.35 10.38
C ILE A 18 -2.22 -2.90 10.74
N GLY A 19 -2.72 -2.66 11.92
CA GLY A 19 -3.05 -1.25 12.31
C GLY A 19 -1.78 -0.40 12.25
N LEU A 20 -0.71 -0.90 12.78
CA LEU A 20 0.57 -0.14 12.77
C LEU A 20 0.86 0.44 11.38
N PHE A 21 0.67 -0.34 10.36
CA PHE A 21 0.94 0.15 8.98
C PHE A 21 -0.12 1.14 8.52
N HIS A 22 0.26 2.11 7.74
CA HIS A 22 -0.72 3.11 7.24
C HIS A 22 -0.95 2.91 5.75
N LYS A 23 -2.05 3.40 5.22
CA LYS A 23 -2.31 3.21 3.77
C LYS A 23 -1.85 4.44 2.97
N ILE A 24 -0.78 4.29 2.23
CA ILE A 24 -0.28 5.43 1.41
C ILE A 24 -1.17 5.57 0.18
N GLY A 25 -1.51 4.47 -0.42
CA GLY A 25 -2.39 4.50 -1.62
C GLY A 25 -3.14 3.19 -1.73
N THR A 26 -3.12 2.56 -2.87
CA THR A 26 -3.84 1.26 -3.01
C THR A 26 -3.03 0.29 -3.87
N CYS A 27 -3.26 -0.99 -3.70
CA CYS A 27 -2.51 -2.00 -4.50
C CYS A 27 -3.48 -2.88 -5.26
N ASN A 28 -3.01 -3.97 -5.81
CA ASN A 28 -3.91 -4.88 -6.56
C ASN A 28 -5.25 -5.01 -5.85
N PHE A 29 -6.32 -5.20 -6.59
CA PHE A 29 -7.66 -5.32 -5.95
C PHE A 29 -7.59 -6.20 -4.68
N ARG A 30 -6.86 -7.27 -4.74
CA ARG A 30 -6.76 -8.16 -3.54
C ARG A 30 -5.67 -7.68 -2.58
N PHE A 31 -5.07 -6.55 -2.85
CA PHE A 31 -4.00 -6.04 -1.95
C PHE A 31 -4.12 -4.52 -1.78
N LYS A 32 -3.59 -3.99 -0.72
CA LYS A 32 -3.66 -2.52 -0.49
C LYS A 32 -2.26 -1.97 -0.21
N CYS A 33 -2.05 -0.71 -0.44
CA CYS A 33 -0.70 -0.11 -0.20
C CYS A 33 -0.50 0.20 1.30
N CYS A 34 0.57 -0.30 1.87
CA CYS A 34 0.84 -0.04 3.30
C CYS A 34 2.33 0.19 3.53
N LYS A 35 2.69 1.12 4.37
CA LYS A 35 4.14 1.38 4.61
C LYS A 35 4.40 1.55 6.11
N PHE A 36 5.59 1.24 6.55
CA PHE A 36 5.91 1.40 7.99
C PHE A 36 5.76 2.86 8.41
N GLN A 37 5.77 3.14 9.69
CA GLN A 37 5.63 4.55 10.14
C GLN A 37 6.79 5.39 9.61
N ASN A 1 -4.05 8.95 -6.01
CA ASN A 1 -3.30 7.81 -5.43
C ASN A 1 -3.47 6.57 -6.31
N SER A 2 -4.68 6.21 -6.63
CA SER A 2 -4.90 5.01 -7.49
C SER A 2 -4.01 5.08 -8.73
N LYS A 3 -3.99 6.20 -9.40
CA LYS A 3 -3.14 6.33 -10.62
C LYS A 3 -1.67 6.09 -10.27
N ARG A 4 -1.28 6.42 -9.06
CA ARG A 4 0.14 6.21 -8.66
C ARG A 4 0.40 4.72 -8.42
N ALA A 5 1.64 4.31 -8.42
CA ALA A 5 1.94 2.87 -8.20
C ALA A 5 2.70 2.69 -6.88
N CYS A 6 2.10 2.02 -5.92
CA CYS A 6 2.79 1.80 -4.62
C CYS A 6 4.07 0.99 -4.84
N TYR A 7 4.13 0.26 -5.93
CA TYR A 7 5.35 -0.56 -6.21
C TYR A 7 6.54 0.36 -6.48
N ARG A 8 6.34 1.39 -7.26
CA ARG A 8 7.47 2.32 -7.56
C ARG A 8 7.99 2.94 -6.26
N GLU A 9 7.12 3.29 -5.36
CA GLU A 9 7.56 3.90 -4.08
C GLU A 9 8.32 2.86 -3.24
N GLY A 10 8.00 1.61 -3.42
CA GLY A 10 8.69 0.55 -2.62
C GLY A 10 7.87 0.25 -1.37
N GLY A 11 6.68 0.75 -1.29
CA GLY A 11 5.82 0.49 -0.09
C GLY A 11 5.46 -0.99 -0.04
N GLU A 12 4.68 -1.38 0.95
CA GLU A 12 4.29 -2.80 1.06
C GLU A 12 2.75 -2.94 1.10
N CYS A 13 2.23 -3.98 0.53
CA CYS A 13 0.75 -4.16 0.54
C CYS A 13 0.39 -5.52 1.16
N LEU A 14 -0.54 -5.53 2.08
CA LEU A 14 -0.93 -6.82 2.72
C LEU A 14 -2.42 -7.09 2.48
N GLN A 15 -2.79 -8.34 2.35
CA GLN A 15 -4.24 -8.65 2.13
C GLN A 15 -5.03 -8.05 3.29
N ARG A 16 -4.41 -7.93 4.43
CA ARG A 16 -5.09 -7.33 5.62
C ARG A 16 -4.14 -6.35 6.29
N CYS A 17 -3.78 -5.30 5.60
CA CYS A 17 -2.83 -4.30 6.18
C CYS A 17 -3.27 -3.88 7.58
N ILE A 18 -2.48 -4.16 8.57
CA ILE A 18 -2.83 -3.77 9.96
C ILE A 18 -1.55 -3.55 10.77
N GLY A 19 -1.66 -3.04 11.97
CA GLY A 19 -0.45 -2.81 12.81
C GLY A 19 0.04 -1.37 12.61
N LEU A 20 1.27 -1.11 12.97
CA LEU A 20 1.82 0.27 12.80
C LEU A 20 1.64 0.75 11.35
N PHE A 21 1.45 -0.16 10.44
CA PHE A 21 1.27 0.24 9.01
C PHE A 21 -0.13 0.83 8.80
N HIS A 22 -0.24 1.79 7.93
CA HIS A 22 -1.58 2.41 7.66
C HIS A 22 -1.93 2.26 6.17
N LYS A 23 -3.11 2.69 5.78
CA LYS A 23 -3.49 2.58 4.36
C LYS A 23 -3.39 3.94 3.67
N ILE A 24 -2.44 4.09 2.78
CA ILE A 24 -2.30 5.39 2.05
C ILE A 24 -3.18 5.36 0.81
N GLY A 25 -3.30 4.22 0.20
CA GLY A 25 -4.14 4.11 -1.03
C GLY A 25 -4.34 2.63 -1.36
N THR A 26 -4.76 2.32 -2.56
CA THR A 26 -4.97 0.89 -2.92
C THR A 26 -3.72 0.31 -3.60
N CYS A 27 -3.65 -0.99 -3.72
CA CYS A 27 -2.47 -1.63 -4.37
C CYS A 27 -2.91 -2.49 -5.54
N ASN A 28 -2.09 -3.41 -5.93
CA ASN A 28 -2.44 -4.30 -7.07
C ASN A 28 -3.55 -5.28 -6.67
N PHE A 29 -4.34 -5.71 -7.62
CA PHE A 29 -5.43 -6.67 -7.31
C PHE A 29 -6.24 -6.21 -6.09
N ARG A 30 -6.37 -7.04 -5.08
CA ARG A 30 -7.16 -6.64 -3.88
C ARG A 30 -6.25 -6.28 -2.71
N PHE A 31 -4.98 -6.09 -2.95
CA PHE A 31 -4.06 -5.75 -1.84
C PHE A 31 -4.09 -4.24 -1.56
N LYS A 32 -4.01 -3.84 -0.32
CA LYS A 32 -4.05 -2.39 0.01
C LYS A 32 -2.64 -1.80 0.02
N CYS A 33 -2.53 -0.50 -0.13
CA CYS A 33 -1.19 0.14 -0.12
C CYS A 33 -0.80 0.52 1.31
N CYS A 34 0.39 0.19 1.72
CA CYS A 34 0.82 0.53 3.11
C CYS A 34 2.33 0.76 3.17
N LYS A 35 2.75 1.78 3.87
CA LYS A 35 4.21 2.07 3.96
C LYS A 35 4.62 2.16 5.43
N PHE A 36 5.88 1.96 5.72
CA PHE A 36 6.34 2.04 7.13
C PHE A 36 6.89 3.44 7.44
N GLN A 37 6.49 4.02 8.53
CA GLN A 37 6.99 5.38 8.89
C GLN A 37 7.10 5.52 10.40
N ASN A 1 -3.20 14.69 -10.24
CA ASN A 1 -4.42 13.96 -10.71
C ASN A 1 -4.01 12.80 -11.63
N SER A 2 -3.30 11.84 -11.11
CA SER A 2 -2.88 10.69 -11.96
C SER A 2 -2.75 9.42 -11.10
N LYS A 3 -2.87 8.27 -11.70
CA LYS A 3 -2.74 7.02 -10.93
C LYS A 3 -1.37 6.95 -10.25
N ARG A 4 -1.25 6.18 -9.21
CA ARG A 4 0.06 6.07 -8.51
C ARG A 4 0.51 4.62 -8.46
N ALA A 5 1.75 4.38 -8.12
CA ALA A 5 2.26 2.98 -8.07
C ALA A 5 2.88 2.68 -6.70
N CYS A 6 2.26 1.83 -5.94
CA CYS A 6 2.82 1.50 -4.59
C CYS A 6 4.24 0.94 -4.74
N TYR A 7 4.55 0.41 -5.89
CA TYR A 7 5.92 -0.15 -6.11
C TYR A 7 6.96 0.97 -6.13
N ARG A 8 6.68 2.05 -6.81
CA ARG A 8 7.66 3.17 -6.87
C ARG A 8 7.84 3.78 -5.48
N GLU A 9 6.77 3.95 -4.74
CA GLU A 9 6.88 4.54 -3.38
C GLU A 9 7.79 3.67 -2.51
N GLY A 10 7.84 2.40 -2.76
CA GLY A 10 8.71 1.49 -1.95
C GLY A 10 7.90 0.93 -0.78
N GLY A 11 6.64 1.23 -0.70
CA GLY A 11 5.81 0.69 0.42
C GLY A 11 5.53 -0.78 0.19
N GLU A 12 4.65 -1.36 0.96
CA GLU A 12 4.32 -2.81 0.79
C GLU A 12 2.80 -3.00 0.79
N CYS A 13 2.31 -3.97 0.08
CA CYS A 13 0.84 -4.19 0.06
C CYS A 13 0.47 -5.47 0.81
N LEU A 14 -0.47 -5.39 1.71
CA LEU A 14 -0.87 -6.60 2.48
C LEU A 14 -2.34 -6.93 2.23
N GLN A 15 -2.69 -8.19 2.21
CA GLN A 15 -4.12 -8.55 1.98
C GLN A 15 -4.97 -7.99 3.12
N ARG A 16 -4.39 -7.87 4.29
CA ARG A 16 -5.13 -7.32 5.46
C ARG A 16 -4.23 -6.36 6.25
N CYS A 17 -3.76 -5.32 5.61
CA CYS A 17 -2.86 -4.34 6.29
C CYS A 17 -3.25 -4.19 7.77
N ILE A 18 -2.28 -4.24 8.64
CA ILE A 18 -2.56 -4.11 10.10
C ILE A 18 -2.46 -2.64 10.53
N GLY A 19 -2.81 -2.35 11.75
CA GLY A 19 -2.74 -0.94 12.23
C GLY A 19 -1.30 -0.44 12.12
N LEU A 20 -0.37 -1.18 12.64
CA LEU A 20 1.06 -0.75 12.57
C LEU A 20 1.38 -0.23 11.17
N PHE A 21 0.96 -0.94 10.16
CA PHE A 21 1.22 -0.50 8.76
C PHE A 21 0.22 0.59 8.36
N HIS A 22 0.69 1.64 7.73
CA HIS A 22 -0.24 2.72 7.30
C HIS A 22 -0.59 2.57 5.83
N LYS A 23 -1.83 2.75 5.48
CA LYS A 23 -2.23 2.62 4.05
C LYS A 23 -2.08 3.95 3.32
N ILE A 24 -1.25 4.00 2.31
CA ILE A 24 -1.07 5.28 1.56
C ILE A 24 -2.12 5.40 0.46
N GLY A 25 -2.57 4.30 -0.07
CA GLY A 25 -3.60 4.36 -1.14
C GLY A 25 -4.16 2.96 -1.38
N THR A 26 -4.31 2.59 -2.62
CA THR A 26 -4.86 1.23 -2.93
C THR A 26 -3.86 0.42 -3.76
N CYS A 27 -3.73 -0.85 -3.49
CA CYS A 27 -2.79 -1.69 -4.27
C CYS A 27 -3.58 -2.66 -5.12
N ASN A 28 -2.93 -3.70 -5.59
CA ASN A 28 -3.64 -4.69 -6.42
C ASN A 28 -4.98 -5.04 -5.76
N PHE A 29 -6.01 -5.24 -6.54
CA PHE A 29 -7.34 -5.58 -5.95
C PHE A 29 -7.20 -6.67 -4.87
N ARG A 30 -6.14 -7.43 -4.91
CA ARG A 30 -5.96 -8.50 -3.88
C ARG A 30 -5.14 -7.97 -2.69
N PHE A 31 -4.66 -6.75 -2.76
CA PHE A 31 -3.85 -6.22 -1.63
C PHE A 31 -4.05 -4.71 -1.49
N LYS A 32 -3.80 -4.18 -0.32
CA LYS A 32 -3.97 -2.70 -0.12
C LYS A 32 -2.59 -2.03 -0.15
N CYS A 33 -2.55 -0.75 -0.41
CA CYS A 33 -1.24 -0.04 -0.46
C CYS A 33 -0.83 0.42 0.95
N CYS A 34 0.24 -0.12 1.47
CA CYS A 34 0.70 0.28 2.83
C CYS A 34 2.20 0.59 2.80
N LYS A 35 2.62 1.58 3.54
CA LYS A 35 4.08 1.92 3.56
C LYS A 35 4.62 1.89 4.99
N PHE A 36 5.70 1.19 5.21
CA PHE A 36 6.28 1.12 6.58
C PHE A 36 7.11 2.36 6.88
N GLN A 37 7.01 2.89 8.07
CA GLN A 37 7.80 4.10 8.42
C GLN A 37 9.20 3.71 8.90
N ASN A 1 -6.02 5.31 -8.55
CA ASN A 1 -4.68 4.68 -8.46
C ASN A 1 -3.70 5.39 -9.40
N SER A 2 -4.20 5.96 -10.46
CA SER A 2 -3.31 6.68 -11.42
C SER A 2 -2.66 7.88 -10.74
N LYS A 3 -3.32 8.47 -9.77
CA LYS A 3 -2.74 9.66 -9.08
C LYS A 3 -1.50 9.25 -8.28
N ARG A 4 -1.47 8.03 -7.81
CA ARG A 4 -0.30 7.57 -7.02
C ARG A 4 -0.02 6.09 -7.31
N ALA A 5 1.23 5.72 -7.40
CA ALA A 5 1.57 4.30 -7.68
C ALA A 5 2.24 3.66 -6.45
N CYS A 6 1.57 2.75 -5.80
CA CYS A 6 2.17 2.09 -4.61
C CYS A 6 3.47 1.37 -5.01
N TYR A 7 3.60 1.04 -6.26
CA TYR A 7 4.83 0.34 -6.71
C TYR A 7 6.03 1.30 -6.69
N ARG A 8 5.82 2.53 -7.08
CA ARG A 8 6.92 3.52 -7.08
C ARG A 8 7.35 3.82 -5.64
N GLU A 9 6.42 3.79 -4.72
CA GLU A 9 6.77 4.06 -3.30
C GLU A 9 7.69 2.97 -2.76
N GLY A 10 7.50 1.75 -3.20
CA GLY A 10 8.36 0.63 -2.72
C GLY A 10 7.93 0.23 -1.31
N GLY A 11 6.74 0.57 -0.92
CA GLY A 11 6.27 0.20 0.45
C GLY A 11 5.83 -1.27 0.44
N GLU A 12 4.92 -1.62 1.31
CA GLU A 12 4.44 -3.04 1.35
C GLU A 12 2.93 -3.08 1.11
N CYS A 13 2.45 -4.11 0.47
CA CYS A 13 0.99 -4.21 0.20
C CYS A 13 0.41 -5.48 0.82
N LEU A 14 -0.48 -5.33 1.77
CA LEU A 14 -1.08 -6.53 2.43
C LEU A 14 -2.60 -6.50 2.24
N GLN A 15 -3.22 -7.64 2.12
CA GLN A 15 -4.71 -7.66 1.96
C GLN A 15 -5.35 -6.87 3.10
N ARG A 16 -4.65 -6.71 4.19
CA ARG A 16 -5.20 -5.97 5.35
C ARG A 16 -4.09 -5.71 6.37
N CYS A 17 -3.18 -4.82 6.05
CA CYS A 17 -2.06 -4.53 7.00
C CYS A 17 -2.60 -3.91 8.30
N ILE A 18 -1.98 -4.23 9.40
CA ILE A 18 -2.43 -3.66 10.70
C ILE A 18 -1.23 -3.31 11.58
N GLY A 19 -1.42 -2.44 12.54
CA GLY A 19 -0.28 -2.06 13.43
C GLY A 19 0.29 -0.72 12.99
N LEU A 20 1.58 -0.53 13.13
CA LEU A 20 2.20 0.76 12.72
C LEU A 20 1.99 0.99 11.22
N PHE A 21 1.64 -0.03 10.49
CA PHE A 21 1.45 0.12 9.03
C PHE A 21 0.16 0.89 8.72
N HIS A 22 0.23 1.83 7.81
CA HIS A 22 -0.98 2.62 7.44
C HIS A 22 -1.24 2.44 5.94
N LYS A 23 -2.47 2.54 5.51
CA LYS A 23 -2.76 2.35 4.06
C LYS A 23 -2.76 3.68 3.31
N ILE A 24 -1.99 3.77 2.26
CA ILE A 24 -1.98 5.02 1.45
C ILE A 24 -2.82 4.78 0.20
N GLY A 25 -2.75 3.59 -0.34
CA GLY A 25 -3.56 3.27 -1.55
C GLY A 25 -3.74 1.75 -1.63
N THR A 26 -3.84 1.21 -2.81
CA THR A 26 -4.02 -0.26 -2.94
C THR A 26 -3.11 -0.82 -4.03
N CYS A 27 -2.68 -2.05 -3.88
CA CYS A 27 -1.79 -2.66 -4.92
C CYS A 27 -2.50 -3.85 -5.58
N ASN A 28 -2.02 -4.29 -6.70
CA ASN A 28 -2.67 -5.45 -7.40
C ASN A 28 -4.19 -5.36 -7.29
N PHE A 29 -4.72 -4.17 -7.22
CA PHE A 29 -6.20 -4.00 -7.11
C PHE A 29 -6.73 -4.69 -5.86
N ARG A 30 -6.80 -6.00 -5.87
CA ARG A 30 -7.31 -6.73 -4.67
C ARG A 30 -6.47 -6.41 -3.44
N PHE A 31 -5.17 -6.50 -3.55
CA PHE A 31 -4.30 -6.20 -2.37
C PHE A 31 -4.29 -4.70 -2.07
N LYS A 32 -3.95 -4.35 -0.86
CA LYS A 32 -3.93 -2.89 -0.49
C LYS A 32 -2.49 -2.40 -0.34
N CYS A 33 -2.29 -1.11 -0.25
CA CYS A 33 -0.91 -0.58 -0.09
C CYS A 33 -0.72 -0.07 1.34
N CYS A 34 0.39 -0.42 1.96
CA CYS A 34 0.62 0.04 3.36
C CYS A 34 2.10 0.42 3.55
N LYS A 35 2.34 1.54 4.18
CA LYS A 35 3.75 1.97 4.40
C LYS A 35 4.11 1.88 5.89
N PHE A 36 5.35 1.61 6.19
CA PHE A 36 5.77 1.52 7.62
C PHE A 36 6.02 2.92 8.18
N GLN A 37 5.71 3.14 9.43
CA GLN A 37 5.94 4.49 10.02
C GLN A 37 6.71 4.36 11.34
N ASN A 1 -0.61 8.77 -13.50
CA ASN A 1 -1.32 8.10 -14.63
C ASN A 1 -2.67 7.56 -14.16
N SER A 2 -3.40 6.91 -15.02
CA SER A 2 -4.73 6.36 -14.63
C SER A 2 -4.55 5.28 -13.55
N LYS A 3 -3.53 4.49 -13.64
CA LYS A 3 -3.32 3.42 -12.63
C LYS A 3 -2.00 3.65 -11.88
N ARG A 4 -2.02 3.47 -10.58
CA ARG A 4 -0.77 3.66 -9.78
C ARG A 4 -0.29 2.33 -9.22
N ALA A 5 0.98 2.19 -8.98
CA ALA A 5 1.50 0.91 -8.43
C ALA A 5 2.18 1.15 -7.08
N CYS A 6 1.54 0.77 -6.00
CA CYS A 6 2.14 0.98 -4.67
C CYS A 6 3.55 0.38 -4.62
N TYR A 7 3.80 -0.61 -5.43
CA TYR A 7 5.15 -1.24 -5.44
C TYR A 7 6.17 -0.28 -6.04
N ARG A 8 5.76 0.53 -6.99
CA ARG A 8 6.71 1.49 -7.61
C ARG A 8 6.99 2.64 -6.65
N GLU A 9 6.04 2.97 -5.82
CA GLU A 9 6.24 4.09 -4.85
C GLU A 9 7.26 3.68 -3.79
N GLY A 10 7.42 2.40 -3.56
CA GLY A 10 8.41 1.94 -2.54
C GLY A 10 7.67 1.44 -1.30
N GLY A 11 6.36 1.41 -1.35
CA GLY A 11 5.59 0.94 -0.16
C GLY A 11 5.45 -0.59 -0.23
N GLU A 12 4.70 -1.17 0.67
CA GLU A 12 4.53 -2.65 0.66
C GLU A 12 3.04 -3.01 0.60
N CYS A 13 2.70 -4.04 -0.12
CA CYS A 13 1.27 -4.44 -0.21
C CYS A 13 0.93 -5.48 0.85
N LEU A 14 -0.15 -5.31 1.56
CA LEU A 14 -0.53 -6.30 2.61
C LEU A 14 -1.99 -6.71 2.44
N GLN A 15 -2.29 -7.96 2.68
CA GLN A 15 -3.70 -8.44 2.54
C GLN A 15 -4.54 -7.95 3.71
N ARG A 16 -3.93 -7.61 4.81
CA ARG A 16 -4.72 -7.12 5.98
C ARG A 16 -3.92 -6.12 6.80
N CYS A 17 -3.55 -5.00 6.20
CA CYS A 17 -2.77 -3.98 6.95
C CYS A 17 -3.32 -3.83 8.38
N ILE A 18 -2.46 -3.60 9.33
CA ILE A 18 -2.94 -3.45 10.74
C ILE A 18 -2.57 -2.06 11.27
N GLY A 19 -2.99 -1.77 12.46
CA GLY A 19 -2.67 -0.44 13.05
C GLY A 19 -1.18 -0.15 12.87
N LEU A 20 -0.36 -1.11 13.14
CA LEU A 20 1.11 -0.91 12.99
C LEU A 20 1.45 -0.38 11.59
N PHE A 21 0.66 -0.71 10.61
CA PHE A 21 0.93 -0.22 9.23
C PHE A 21 -0.15 0.74 8.77
N HIS A 22 0.21 1.73 7.99
CA HIS A 22 -0.81 2.71 7.49
C HIS A 22 -1.08 2.46 6.01
N LYS A 23 -2.32 2.44 5.62
CA LYS A 23 -2.64 2.19 4.19
C LYS A 23 -2.77 3.51 3.43
N ILE A 24 -1.73 3.93 2.76
CA ILE A 24 -1.80 5.20 1.98
C ILE A 24 -2.83 5.08 0.86
N GLY A 25 -2.83 3.98 0.17
CA GLY A 25 -3.81 3.78 -0.94
C GLY A 25 -4.03 2.29 -1.17
N THR A 26 -4.29 1.90 -2.39
CA THR A 26 -4.53 0.46 -2.67
C THR A 26 -3.51 -0.05 -3.69
N CYS A 27 -3.15 -1.30 -3.63
CA CYS A 27 -2.16 -1.85 -4.61
C CYS A 27 -2.83 -2.11 -5.97
N ASN A 28 -2.15 -2.78 -6.85
CA ASN A 28 -2.74 -3.06 -8.19
C ASN A 28 -4.13 -3.68 -8.05
N PHE A 29 -4.30 -4.56 -7.10
CA PHE A 29 -5.63 -5.20 -6.91
C PHE A 29 -5.59 -6.18 -5.73
N ARG A 30 -6.71 -6.36 -5.07
CA ARG A 30 -6.76 -7.30 -3.91
C ARG A 30 -5.89 -6.80 -2.75
N PHE A 31 -4.62 -6.59 -2.97
CA PHE A 31 -3.75 -6.11 -1.87
C PHE A 31 -3.90 -4.60 -1.68
N LYS A 32 -3.58 -4.11 -0.52
CA LYS A 32 -3.70 -2.65 -0.26
C LYS A 32 -2.32 -2.01 -0.13
N CYS A 33 -2.22 -0.73 -0.34
CA CYS A 33 -0.89 -0.06 -0.24
C CYS A 33 -0.61 0.35 1.21
N CYS A 34 0.42 -0.19 1.80
CA CYS A 34 0.75 0.18 3.21
C CYS A 34 2.26 0.35 3.38
N LYS A 35 2.68 1.43 4.00
CA LYS A 35 4.15 1.65 4.17
C LYS A 35 4.51 1.57 5.66
N PHE A 36 5.63 0.96 5.97
CA PHE A 36 6.05 0.85 7.39
C PHE A 36 7.24 1.77 7.67
N GLN A 37 7.28 2.38 8.83
CA GLN A 37 8.42 3.29 9.14
C GLN A 37 9.53 2.52 9.87
N ASN A 1 -0.34 12.52 -12.06
CA ASN A 1 -1.00 11.28 -12.56
C ASN A 1 -2.35 11.07 -11.86
N SER A 2 -3.16 10.20 -12.38
CA SER A 2 -4.49 9.96 -11.75
C SER A 2 -4.31 9.22 -10.42
N LYS A 3 -3.36 8.31 -10.35
CA LYS A 3 -3.14 7.57 -9.09
C LYS A 3 -1.63 7.45 -8.81
N ARG A 4 -1.26 7.18 -7.59
CA ARG A 4 0.19 7.05 -7.27
C ARG A 4 0.69 5.64 -7.57
N ALA A 5 1.97 5.48 -7.76
CA ALA A 5 2.52 4.13 -8.06
C ALA A 5 3.05 3.48 -6.78
N CYS A 6 2.46 2.41 -6.35
CA CYS A 6 2.93 1.73 -5.11
C CYS A 6 4.28 1.04 -5.38
N TYR A 7 4.62 0.84 -6.62
CA TYR A 7 5.91 0.17 -6.94
C TYR A 7 7.09 1.11 -6.65
N ARG A 8 6.89 2.39 -6.78
CA ARG A 8 8.01 3.34 -6.51
C ARG A 8 8.10 3.64 -5.02
N GLU A 9 7.00 3.89 -4.37
CA GLU A 9 7.05 4.19 -2.90
C GLU A 9 5.94 3.43 -2.17
N GLY A 10 5.17 2.65 -2.87
CA GLY A 10 4.08 1.88 -2.19
C GLY A 10 4.69 1.02 -1.10
N GLY A 11 5.95 0.70 -1.21
CA GLY A 11 6.60 -0.14 -0.17
C GLY A 11 6.11 -1.58 -0.29
N GLU A 12 5.16 -1.96 0.53
CA GLU A 12 4.64 -3.36 0.47
C GLU A 12 3.11 -3.35 0.58
N CYS A 13 2.47 -4.40 0.14
CA CYS A 13 0.98 -4.46 0.21
C CYS A 13 0.53 -5.65 1.06
N LEU A 14 -0.60 -5.52 1.72
CA LEU A 14 -1.11 -6.65 2.54
C LEU A 14 -2.64 -6.64 2.56
N GLN A 15 -3.23 -7.76 2.89
CA GLN A 15 -4.71 -7.83 2.92
C GLN A 15 -5.26 -6.98 4.08
N ARG A 16 -4.76 -7.19 5.26
CA ARG A 16 -5.24 -6.40 6.43
C ARG A 16 -4.17 -5.38 6.85
N CYS A 17 -4.10 -4.28 6.16
CA CYS A 17 -3.08 -3.24 6.51
C CYS A 17 -3.53 -2.47 7.75
N ILE A 18 -3.32 -3.01 8.93
CA ILE A 18 -3.73 -2.29 10.16
C ILE A 18 -2.65 -2.39 11.23
N GLY A 19 -2.75 -1.60 12.26
CA GLY A 19 -1.73 -1.65 13.35
C GLY A 19 -0.55 -0.73 12.99
N LEU A 20 0.65 -1.25 13.04
CA LEU A 20 1.84 -0.41 12.71
C LEU A 20 1.85 -0.04 11.23
N PHE A 21 1.34 -0.89 10.38
CA PHE A 21 1.33 -0.59 8.93
C PHE A 21 0.16 0.34 8.59
N HIS A 22 0.42 1.38 7.83
CA HIS A 22 -0.68 2.32 7.46
C HIS A 22 -1.05 2.13 5.99
N LYS A 23 -2.32 2.21 5.66
CA LYS A 23 -2.72 2.03 4.24
C LYS A 23 -2.72 3.38 3.51
N ILE A 24 -1.84 3.54 2.55
CA ILE A 24 -1.79 4.81 1.79
C ILE A 24 -2.93 4.82 0.77
N GLY A 25 -3.14 3.71 0.14
CA GLY A 25 -4.24 3.61 -0.87
C GLY A 25 -4.51 2.13 -1.15
N THR A 26 -4.54 1.75 -2.39
CA THR A 26 -4.81 0.32 -2.73
C THR A 26 -3.71 -0.20 -3.66
N CYS A 27 -3.41 -1.47 -3.59
CA CYS A 27 -2.34 -2.04 -4.46
C CYS A 27 -2.89 -2.40 -5.84
N ASN A 28 -2.19 -3.23 -6.54
CA ASN A 28 -2.63 -3.64 -7.90
C ASN A 28 -3.98 -4.36 -7.85
N PHE A 29 -4.16 -5.24 -6.90
CA PHE A 29 -5.46 -5.97 -6.81
C PHE A 29 -5.46 -6.90 -5.59
N ARG A 30 -6.59 -7.03 -4.95
CA ARG A 30 -6.67 -7.92 -3.75
C ARG A 30 -5.59 -7.55 -2.74
N PHE A 31 -5.04 -6.36 -2.85
CA PHE A 31 -3.98 -5.94 -1.90
C PHE A 31 -4.04 -4.43 -1.69
N LYS A 32 -3.56 -3.95 -0.57
CA LYS A 32 -3.60 -2.48 -0.31
C LYS A 32 -2.18 -1.91 -0.29
N CYS A 33 -2.04 -0.63 -0.51
CA CYS A 33 -0.69 -0.01 -0.50
C CYS A 33 -0.30 0.36 0.94
N CYS A 34 0.82 -0.12 1.41
CA CYS A 34 1.24 0.21 2.80
C CYS A 34 2.72 0.57 2.85
N LYS A 35 3.09 1.54 3.65
CA LYS A 35 4.52 1.94 3.74
C LYS A 35 5.06 1.67 5.15
N PHE A 36 6.14 0.96 5.27
CA PHE A 36 6.70 0.66 6.62
C PHE A 36 7.83 1.63 6.96
N GLN A 37 7.89 2.08 8.18
CA GLN A 37 8.97 3.02 8.58
C GLN A 37 10.33 2.34 8.48
N ASN A 1 8.88 11.26 -4.00
CA ASN A 1 7.90 10.14 -3.92
C ASN A 1 6.48 10.68 -4.08
N SER A 2 5.56 9.84 -4.47
CA SER A 2 4.16 10.31 -4.64
C SER A 2 3.18 9.23 -4.18
N LYS A 3 2.01 9.61 -3.73
CA LYS A 3 1.02 8.61 -3.26
C LYS A 3 0.67 7.63 -4.38
N ARG A 4 0.57 8.12 -5.59
CA ARG A 4 0.24 7.22 -6.72
C ARG A 4 1.36 6.19 -6.95
N ALA A 5 1.05 5.10 -7.58
CA ALA A 5 2.09 4.07 -7.82
C ALA A 5 2.74 3.68 -6.48
N CYS A 6 2.27 2.62 -5.89
CA CYS A 6 2.84 2.19 -4.58
C CYS A 6 4.21 1.53 -4.81
N TYR A 7 4.46 1.07 -6.00
CA TYR A 7 5.78 0.43 -6.29
C TYR A 7 6.88 1.49 -6.27
N ARG A 8 6.64 2.61 -6.87
CA ARG A 8 7.67 3.69 -6.88
C ARG A 8 8.03 4.08 -5.44
N GLU A 9 7.05 4.20 -4.60
CA GLU A 9 7.33 4.57 -3.18
C GLU A 9 8.09 3.45 -2.48
N GLY A 10 7.88 2.23 -2.89
CA GLY A 10 8.59 1.08 -2.25
C GLY A 10 7.74 0.52 -1.11
N GLY A 11 6.51 0.96 -1.01
CA GLY A 11 5.63 0.45 0.08
C GLY A 11 5.32 -1.03 -0.18
N GLU A 12 4.60 -1.66 0.73
CA GLU A 12 4.26 -3.10 0.54
C GLU A 12 2.77 -3.33 0.79
N CYS A 13 2.17 -4.24 0.09
CA CYS A 13 0.71 -4.52 0.31
C CYS A 13 0.54 -5.81 1.11
N LEU A 14 -0.26 -5.77 2.14
CA LEU A 14 -0.46 -7.00 2.97
C LEU A 14 -1.90 -7.52 2.82
N GLN A 15 -2.07 -8.81 2.76
CA GLN A 15 -3.45 -9.38 2.63
C GLN A 15 -4.32 -8.87 3.77
N ARG A 16 -3.72 -8.51 4.87
CA ARG A 16 -4.50 -7.98 6.04
C ARG A 16 -3.77 -6.79 6.63
N CYS A 17 -3.48 -5.80 5.83
CA CYS A 17 -2.74 -4.60 6.33
C CYS A 17 -3.25 -4.21 7.72
N ILE A 18 -2.34 -4.00 8.64
CA ILE A 18 -2.75 -3.63 10.02
C ILE A 18 -2.59 -2.12 10.22
N GLY A 19 -3.09 -1.61 11.32
CA GLY A 19 -2.95 -0.14 11.57
C GLY A 19 -1.48 0.23 11.59
N LEU A 20 -0.68 -0.53 12.28
CA LEU A 20 0.78 -0.24 12.33
C LEU A 20 1.29 0.16 10.96
N PHE A 21 0.81 -0.47 9.92
CA PHE A 21 1.26 -0.14 8.55
C PHE A 21 0.40 0.99 7.96
N HIS A 22 0.98 2.13 7.73
CA HIS A 22 0.20 3.26 7.15
C HIS A 22 -0.30 2.88 5.75
N LYS A 23 -1.51 3.22 5.43
CA LYS A 23 -2.06 2.87 4.09
C LYS A 23 -1.98 4.08 3.15
N ILE A 24 -1.15 4.00 2.15
CA ILE A 24 -1.04 5.14 1.19
C ILE A 24 -2.29 5.17 0.32
N GLY A 25 -2.75 4.01 -0.07
CA GLY A 25 -3.97 3.92 -0.91
C GLY A 25 -4.35 2.46 -1.10
N THR A 26 -4.57 2.04 -2.31
CA THR A 26 -4.95 0.61 -2.56
C THR A 26 -3.91 -0.05 -3.47
N CYS A 27 -3.79 -1.35 -3.41
CA CYS A 27 -2.79 -2.04 -4.28
C CYS A 27 -3.45 -2.52 -5.56
N ASN A 28 -2.85 -3.48 -6.20
CA ASN A 28 -3.42 -4.02 -7.47
C ASN A 28 -4.93 -4.21 -7.32
N PHE A 29 -5.35 -4.90 -6.31
CA PHE A 29 -6.82 -5.12 -6.12
C PHE A 29 -7.07 -5.95 -4.85
N ARG A 30 -6.57 -7.15 -4.81
CA ARG A 30 -6.80 -8.01 -3.60
C ARG A 30 -6.03 -7.47 -2.39
N PHE A 31 -4.87 -6.90 -2.61
CA PHE A 31 -4.09 -6.38 -1.46
C PHE A 31 -4.19 -4.84 -1.39
N LYS A 32 -3.98 -4.28 -0.23
CA LYS A 32 -4.07 -2.80 -0.09
C LYS A 32 -2.66 -2.21 -0.03
N CYS A 33 -2.52 -0.94 -0.33
CA CYS A 33 -1.17 -0.31 -0.28
C CYS A 33 -0.83 0.10 1.15
N CYS A 34 0.32 -0.31 1.65
CA CYS A 34 0.70 0.06 3.04
C CYS A 34 2.14 0.56 3.08
N LYS A 35 2.46 1.39 4.03
CA LYS A 35 3.85 1.90 4.13
C LYS A 35 4.40 1.69 5.55
N PHE A 36 5.46 0.94 5.67
CA PHE A 36 6.04 0.69 7.03
C PHE A 36 6.83 1.92 7.51
N GLN A 37 6.74 2.24 8.76
CA GLN A 37 7.49 3.42 9.29
C GLN A 37 7.46 3.43 10.82
#